data_4M05
#
_entry.id   4M05
#
_cell.length_a   136.470
_cell.length_b   112.390
_cell.length_c   119.250
_cell.angle_alpha   90.000
_cell.angle_beta   117.840
_cell.angle_gamma   90.000
#
_symmetry.space_group_name_H-M   'C 1 2 1'
#
loop_
_entity.id
_entity.type
_entity.pdbx_description
1 polymer 'Chlorite dismutase'
2 non-polymer 'PROTOPORPHYRIN IX CONTAINING FE'
3 non-polymer 'ACETATE ION'
4 non-polymer 1,2-ETHANEDIOL
5 water water
#
_entity_poly.entity_id   1
_entity_poly.type   'polypeptide(L)'
_entity_poly.pdbx_seq_one_letter_code
;GAMADREKLLTESGVYGTFATFQMDHDWWDLPGESRVISVAEVKGLVEQWSGKILVESYLLRGLSDHADLMFRVHARTLS
DTQQFLSAFMGTRLGRHLTSGGLLHGVSKKPTYVAGFPESMKTELQVNGESGSRPYAIVIPIKKDAEWWALDQEARTALM
QEHTQAALPYLKTVKEKLYHSTGLDDVDFITYFETERLEDFHNLVRALQQVKEFRHNRRFGHPTLLGTMSPLDEILEKFA
Q
;
_entity_poly.pdbx_strand_id   A,B,C,D,E
#
loop_
_chem_comp.id
_chem_comp.type
_chem_comp.name
_chem_comp.formula
ACT non-polymer 'ACETATE ION' 'C2 H3 O2 -1'
EDO non-polymer 1,2-ETHANEDIOL 'C2 H6 O2'
HEM non-polymer 'PROTOPORPHYRIN IX CONTAINING FE' 'C34 H32 Fe N4 O4'
#
# COMPACT_ATOMS: atom_id res chain seq x y z
N ALA A 4 -9.06 -36.72 -20.84
CA ALA A 4 -8.35 -37.99 -20.46
C ALA A 4 -7.46 -37.76 -19.24
N ASP A 5 -6.27 -37.22 -19.47
CA ASP A 5 -5.35 -36.80 -18.41
C ASP A 5 -5.91 -35.55 -17.72
N ARG A 6 -6.70 -34.77 -18.47
CA ARG A 6 -7.40 -33.61 -17.91
C ARG A 6 -8.05 -33.91 -16.58
N GLU A 7 -8.82 -34.99 -16.49
CA GLU A 7 -9.45 -35.31 -15.22
C GLU A 7 -8.47 -35.93 -14.23
N LYS A 8 -7.26 -36.22 -14.69
CA LYS A 8 -6.24 -36.79 -13.81
C LYS A 8 -5.47 -35.66 -13.11
N LEU A 9 -5.68 -34.44 -13.60
CA LEU A 9 -5.08 -33.25 -13.00
C LEU A 9 -6.12 -32.45 -12.21
N LEU A 10 -7.32 -32.42 -12.75
CA LEU A 10 -8.41 -31.61 -12.21
C LEU A 10 -9.12 -32.25 -11.04
N THR A 11 -8.65 -33.45 -10.64
CA THR A 11 -9.38 -34.30 -9.70
C THR A 11 -8.46 -35.01 -8.71
N GLU A 12 -7.28 -35.41 -9.18
CA GLU A 12 -6.37 -36.20 -8.35
C GLU A 12 -5.57 -35.33 -7.38
N SER A 13 -5.01 -35.98 -6.36
CA SER A 13 -4.19 -35.32 -5.34
C SER A 13 -2.70 -35.46 -5.68
N GLY A 14 -1.89 -34.54 -5.18
CA GLY A 14 -0.47 -34.48 -5.52
C GLY A 14 -0.24 -33.59 -6.73
N VAL A 15 -1.28 -32.85 -7.09
CA VAL A 15 -1.26 -31.98 -8.26
C VAL A 15 -1.10 -30.51 -7.87
N TYR A 16 0.03 -29.92 -8.25
CA TYR A 16 0.22 -28.50 -8.01
C TYR A 16 -0.70 -27.74 -8.97
N GLY A 17 -1.35 -26.70 -8.47
CA GLY A 17 -2.23 -25.87 -9.26
C GLY A 17 -1.77 -24.42 -9.10
N THR A 18 -1.80 -23.65 -10.17
CA THR A 18 -1.31 -22.27 -10.13
C THR A 18 -2.29 -21.30 -10.73
N PHE A 19 -2.32 -20.10 -10.15
CA PHE A 19 -3.23 -19.06 -10.58
C PHE A 19 -2.43 -17.80 -10.90
N ALA A 20 -2.41 -17.45 -12.19
CA ALA A 20 -1.55 -16.38 -12.70
C ALA A 20 -2.36 -15.33 -13.45
N THR A 21 -2.27 -14.10 -12.95
CA THR A 21 -3.03 -12.96 -13.47
C THR A 21 -2.14 -12.05 -14.27
N PHE A 22 -2.70 -11.50 -15.33
CA PHE A 22 -1.99 -10.58 -16.20
C PHE A 22 -2.84 -9.40 -16.63
N GLN A 23 -2.17 -8.27 -16.73
CA GLN A 23 -2.75 -7.06 -17.27
C GLN A 23 -1.97 -6.59 -18.51
N MET A 24 -2.70 -6.20 -19.55
CA MET A 24 -2.10 -5.75 -20.81
C MET A 24 -1.69 -4.28 -20.79
N ASP A 25 -0.44 -4.04 -21.16
CA ASP A 25 0.13 -2.68 -21.29
C ASP A 25 -0.62 -1.81 -22.30
N HIS A 26 -0.47 -0.51 -22.16
CA HIS A 26 -1.05 0.44 -23.10
C HIS A 26 -0.30 0.42 -24.44
N ASP A 27 1.03 0.37 -24.39
CA ASP A 27 1.90 0.47 -25.56
C ASP A 27 1.57 -0.57 -26.62
N TRP A 28 0.86 -1.61 -26.19
CA TRP A 28 0.41 -2.68 -27.07
C TRP A 28 -0.46 -2.18 -28.22
N TRP A 29 -1.21 -1.11 -27.95
CA TRP A 29 -2.13 -0.53 -28.91
C TRP A 29 -1.47 0.49 -29.84
N ASP A 30 -0.30 0.98 -29.46
CA ASP A 30 0.51 1.85 -30.32
C ASP A 30 1.21 1.02 -31.42
N LEU A 31 1.02 -0.31 -31.36
CA LEU A 31 1.54 -1.23 -32.37
C LEU A 31 0.60 -1.30 -33.57
N PRO A 32 1.14 -1.64 -34.76
CA PRO A 32 0.20 -1.88 -35.86
C PRO A 32 -0.64 -3.14 -35.57
N GLY A 33 -1.91 -3.12 -35.95
CA GLY A 33 -2.83 -4.23 -35.69
C GLY A 33 -2.37 -5.57 -36.23
N GLU A 34 -1.62 -5.51 -37.33
CA GLU A 34 -1.11 -6.69 -38.00
C GLU A 34 -0.02 -7.34 -37.13
N SER A 35 0.76 -6.51 -36.45
CA SER A 35 1.81 -7.00 -35.55
C SER A 35 1.16 -7.79 -34.41
N ARG A 36 0.01 -7.30 -33.96
CA ARG A 36 -0.68 -7.80 -32.78
C ARG A 36 -1.17 -9.23 -32.98
N VAL A 37 -1.78 -9.44 -34.14
CA VAL A 37 -2.35 -10.73 -34.51
C VAL A 37 -1.29 -11.83 -34.69
N ILE A 38 -0.11 -11.44 -35.14
CA ILE A 38 0.99 -12.38 -35.33
C ILE A 38 1.49 -12.85 -33.98
N SER A 39 1.58 -11.90 -33.04
CA SER A 39 2.04 -12.17 -31.68
C SER A 39 1.16 -13.22 -31.02
N VAL A 40 -0.14 -13.10 -31.27
CA VAL A 40 -1.14 -14.05 -30.77
C VAL A 40 -0.78 -15.48 -31.17
N ALA A 41 -0.39 -15.65 -32.44
CA ALA A 41 -0.13 -16.96 -32.99
C ALA A 41 1.03 -17.64 -32.25
N GLU A 42 1.97 -16.83 -31.76
CA GLU A 42 3.09 -17.34 -30.97
C GLU A 42 2.55 -18.04 -29.73
N VAL A 43 1.65 -17.35 -29.04
CA VAL A 43 1.06 -17.85 -27.80
C VAL A 43 0.31 -19.16 -28.01
N LYS A 44 -0.58 -19.18 -29.00
CA LYS A 44 -1.40 -20.36 -29.28
C LYS A 44 -0.55 -21.61 -29.45
N GLY A 45 0.63 -21.43 -30.03
CA GLY A 45 1.52 -22.54 -30.33
C GLY A 45 2.28 -22.95 -29.09
N LEU A 46 2.71 -21.95 -28.33
CA LEU A 46 3.43 -22.20 -27.09
C LEU A 46 2.59 -23.12 -26.19
N VAL A 47 1.28 -22.89 -26.15
CA VAL A 47 0.38 -23.70 -25.33
C VAL A 47 0.29 -25.14 -25.83
N GLU A 48 0.06 -25.30 -27.13
CA GLU A 48 -0.02 -26.62 -27.73
C GLU A 48 1.28 -27.38 -27.51
N GLN A 49 2.36 -26.62 -27.45
CA GLN A 49 3.69 -27.16 -27.20
C GLN A 49 3.73 -27.77 -25.80
N TRP A 50 3.13 -27.07 -24.83
CA TRP A 50 3.08 -27.53 -23.44
C TRP A 50 1.87 -28.44 -23.19
N SER A 51 1.00 -28.56 -24.20
CA SER A 51 -0.22 -29.35 -24.08
C SER A 51 -0.03 -30.80 -23.60
N GLY A 52 1.20 -31.30 -23.62
CA GLY A 52 1.44 -32.68 -23.22
C GLY A 52 1.72 -32.82 -21.73
N LYS A 53 2.58 -31.93 -21.24
CA LYS A 53 3.05 -31.96 -19.86
C LYS A 53 2.05 -31.37 -18.89
N ILE A 54 1.44 -30.24 -19.25
CA ILE A 54 0.56 -29.55 -18.33
C ILE A 54 -0.80 -29.25 -18.92
N LEU A 55 -1.73 -28.89 -18.03
CA LEU A 55 -3.05 -28.41 -18.45
C LEU A 55 -3.13 -26.93 -18.10
N VAL A 56 -3.79 -26.19 -18.99
CA VAL A 56 -3.88 -24.74 -18.87
C VAL A 56 -5.28 -24.30 -19.26
N GLU A 57 -5.91 -23.53 -18.39
CA GLU A 57 -7.20 -22.93 -18.66
C GLU A 57 -7.08 -21.41 -18.59
N SER A 58 -7.97 -20.72 -19.27
CA SER A 58 -7.87 -19.29 -19.43
C SER A 58 -9.16 -18.66 -18.99
N TYR A 59 -9.06 -17.46 -18.47
CA TYR A 59 -10.24 -16.78 -17.96
C TYR A 59 -10.10 -15.33 -18.34
N LEU A 60 -11.19 -14.75 -18.79
CA LEU A 60 -11.21 -13.35 -19.14
C LEU A 60 -11.61 -12.55 -17.91
N LEU A 61 -10.65 -11.82 -17.35
CA LEU A 61 -10.83 -11.02 -16.15
C LEU A 61 -11.09 -9.57 -16.50
N ARG A 62 -10.80 -9.23 -17.74
CA ARG A 62 -11.02 -7.88 -18.23
C ARG A 62 -12.49 -7.55 -18.05
N GLY A 63 -12.79 -6.46 -17.32
CA GLY A 63 -14.17 -6.04 -17.14
C GLY A 63 -14.91 -6.64 -15.94
N LEU A 64 -14.25 -7.52 -15.20
CA LEU A 64 -14.84 -8.10 -13.99
C LEU A 64 -13.89 -7.93 -12.81
N SER A 65 -12.59 -7.95 -13.08
CA SER A 65 -11.59 -7.78 -12.04
C SER A 65 -10.63 -6.60 -12.29
N ASP A 66 -10.50 -5.72 -11.30
CA ASP A 66 -9.66 -4.53 -11.45
C ASP A 66 -8.19 -4.93 -11.58
N HIS A 67 -7.46 -4.18 -12.42
CA HIS A 67 -6.02 -4.42 -12.64
C HIS A 67 -5.72 -5.83 -13.17
N ALA A 68 -6.61 -6.34 -14.02
CA ALA A 68 -6.44 -7.65 -14.61
C ALA A 68 -7.28 -7.77 -15.87
N ASP A 69 -6.70 -8.43 -16.89
CA ASP A 69 -7.38 -8.68 -18.16
C ASP A 69 -7.52 -10.17 -18.39
N LEU A 70 -6.47 -10.90 -18.02
CA LEU A 70 -6.34 -12.31 -18.33
C LEU A 70 -5.92 -13.14 -17.12
N MET A 71 -6.40 -14.38 -17.05
CA MET A 71 -5.95 -15.29 -16.02
C MET A 71 -5.74 -16.72 -16.51
N PHE A 72 -4.63 -17.32 -16.07
CA PHE A 72 -4.36 -18.74 -16.30
C PHE A 72 -4.55 -19.57 -15.02
N ARG A 73 -5.19 -20.73 -15.17
CA ARG A 73 -5.12 -21.77 -14.15
C ARG A 73 -4.33 -22.96 -14.69
N VAL A 74 -3.15 -23.16 -14.15
CA VAL A 74 -2.24 -24.17 -14.64
C VAL A 74 -2.12 -25.32 -13.68
N HIS A 75 -2.43 -26.52 -14.15
CA HIS A 75 -2.18 -27.72 -13.37
C HIS A 75 -0.92 -28.44 -13.85
N ALA A 76 -0.06 -28.78 -12.89
CA ALA A 76 1.16 -29.52 -13.17
C ALA A 76 1.53 -30.35 -11.97
N ARG A 77 2.44 -31.29 -12.14
CA ARG A 77 2.89 -32.14 -11.04
C ARG A 77 4.25 -31.67 -10.53
N THR A 78 4.76 -30.60 -11.15
CA THR A 78 5.91 -29.87 -10.62
C THR A 78 5.75 -28.41 -10.98
N LEU A 79 6.11 -27.53 -10.05
CA LEU A 79 5.92 -26.12 -10.27
C LEU A 79 6.95 -25.59 -11.26
N SER A 80 8.08 -26.30 -11.40
CA SER A 80 9.15 -25.85 -12.28
C SER A 80 8.62 -25.81 -13.70
N ASP A 81 7.93 -26.88 -14.09
CA ASP A 81 7.31 -26.94 -15.41
C ASP A 81 6.30 -25.81 -15.52
N THR A 82 5.63 -25.50 -14.42
CA THR A 82 4.68 -24.41 -14.45
C THR A 82 5.44 -23.10 -14.61
N GLN A 83 6.59 -23.03 -13.95
CA GLN A 83 7.43 -21.85 -14.00
C GLN A 83 7.94 -21.63 -15.41
N GLN A 84 8.46 -22.69 -16.02
CA GLN A 84 9.03 -22.59 -17.36
C GLN A 84 7.99 -22.10 -18.35
N PHE A 85 6.81 -22.72 -18.30
CA PHE A 85 5.74 -22.34 -19.21
C PHE A 85 5.40 -20.87 -19.05
N LEU A 86 5.46 -20.39 -17.81
CA LEU A 86 5.04 -19.03 -17.49
C LEU A 86 6.06 -17.97 -17.86
N SER A 87 7.34 -18.30 -17.72
CA SER A 87 8.40 -17.37 -18.06
C SER A 87 8.49 -17.31 -19.59
N ALA A 88 8.23 -18.45 -20.22
CA ALA A 88 8.16 -18.57 -21.67
C ALA A 88 7.01 -17.71 -22.16
N PHE A 89 5.84 -17.93 -21.56
CA PHE A 89 4.64 -17.18 -21.93
C PHE A 89 4.92 -15.70 -21.89
N MET A 90 5.65 -15.26 -20.88
CA MET A 90 5.93 -13.84 -20.70
C MET A 90 7.08 -13.36 -21.58
N GLY A 91 7.80 -14.32 -22.16
CA GLY A 91 8.91 -14.02 -23.04
C GLY A 91 8.44 -13.71 -24.45
N THR A 92 7.26 -14.23 -24.80
CA THR A 92 6.65 -13.99 -26.10
C THR A 92 6.42 -12.51 -26.34
N ARG A 93 6.26 -12.14 -27.60
CA ARG A 93 6.02 -10.75 -27.98
C ARG A 93 4.79 -10.22 -27.25
N LEU A 94 3.78 -11.07 -27.12
CA LEU A 94 2.59 -10.72 -26.35
C LEU A 94 2.92 -10.59 -24.87
N GLY A 95 3.59 -11.61 -24.32
CA GLY A 95 3.96 -11.62 -22.90
C GLY A 95 4.77 -10.39 -22.52
N ARG A 96 5.62 -9.94 -23.43
CA ARG A 96 6.43 -8.76 -23.23
C ARG A 96 5.62 -7.49 -22.96
N HIS A 97 4.34 -7.52 -23.33
CA HIS A 97 3.46 -6.38 -23.05
C HIS A 97 2.48 -6.70 -21.92
N LEU A 98 2.79 -7.71 -21.11
CA LEU A 98 1.96 -8.04 -19.94
C LEU A 98 2.65 -7.81 -18.58
N THR A 99 1.99 -7.04 -17.72
CA THR A 99 2.43 -6.93 -16.31
C THR A 99 1.82 -8.08 -15.48
N SER A 100 2.68 -8.80 -14.77
CA SER A 100 2.22 -9.87 -13.89
C SER A 100 1.36 -9.28 -12.76
N GLY A 101 0.09 -9.65 -12.72
CA GLY A 101 -0.85 -9.11 -11.75
C GLY A 101 -0.69 -9.78 -10.41
N GLY A 102 -0.87 -11.10 -10.38
CA GLY A 102 -0.73 -11.86 -9.16
C GLY A 102 -0.38 -13.29 -9.46
N LEU A 103 0.02 -14.03 -8.43
CA LEU A 103 0.49 -15.40 -8.60
C LEU A 103 0.31 -16.23 -7.33
N LEU A 104 -0.41 -17.35 -7.45
CA LEU A 104 -0.78 -18.20 -6.32
C LEU A 104 -0.58 -19.68 -6.59
N HIS A 105 0.19 -20.35 -5.73
CA HIS A 105 0.41 -21.78 -5.87
C HIS A 105 -0.24 -22.58 -4.73
N GLY A 106 -0.77 -23.75 -5.08
CA GLY A 106 -1.30 -24.66 -4.09
C GLY A 106 -1.49 -26.05 -4.67
N VAL A 107 -1.23 -27.07 -3.86
CA VAL A 107 -1.35 -28.45 -4.29
C VAL A 107 -2.67 -29.02 -3.81
N SER A 108 -3.18 -30.00 -4.54
CA SER A 108 -4.41 -30.69 -4.18
C SER A 108 -4.09 -31.94 -3.33
N LYS A 109 -4.79 -32.09 -2.22
CA LYS A 109 -4.54 -33.18 -1.25
C LYS A 109 -5.77 -33.99 -0.93
N LYS A 110 -5.51 -35.06 -0.19
CA LYS A 110 -6.57 -35.86 0.41
C LYS A 110 -7.30 -35.01 1.45
N PRO A 111 -8.63 -35.16 1.53
CA PRO A 111 -9.37 -34.34 2.51
C PRO A 111 -8.94 -34.66 3.94
N THR A 112 -8.83 -33.63 4.79
CA THR A 112 -8.38 -33.80 6.18
C THR A 112 -9.53 -34.11 7.13
N TYR A 113 -10.65 -33.39 6.99
CA TYR A 113 -11.75 -33.46 7.95
C TYR A 113 -12.96 -34.30 7.50
N VAL A 114 -13.04 -34.62 6.21
CA VAL A 114 -14.25 -35.27 5.66
C VAL A 114 -14.51 -36.64 6.27
N ALA A 115 -13.44 -37.35 6.63
CA ALA A 115 -13.55 -38.72 7.14
C ALA A 115 -14.32 -38.80 8.46
N GLY A 116 -14.17 -37.78 9.29
CA GLY A 116 -14.85 -37.70 10.58
C GLY A 116 -16.22 -37.03 10.50
N PHE A 117 -16.82 -37.05 9.32
CA PHE A 117 -18.18 -36.53 9.11
C PHE A 117 -19.20 -37.67 9.19
N PRO A 118 -20.50 -37.34 9.21
CA PRO A 118 -21.53 -38.39 9.11
C PRO A 118 -21.47 -39.10 7.76
N GLU A 119 -21.86 -40.37 7.72
CA GLU A 119 -21.87 -41.13 6.47
C GLU A 119 -22.80 -40.49 5.45
N SER A 120 -23.90 -39.91 5.93
CA SER A 120 -24.88 -39.26 5.06
C SER A 120 -24.29 -38.01 4.39
N MET A 121 -23.38 -37.33 5.08
CA MET A 121 -22.78 -36.12 4.57
C MET A 121 -21.76 -36.44 3.47
N LYS A 122 -21.06 -37.56 3.63
CA LYS A 122 -20.04 -37.99 2.66
C LYS A 122 -20.65 -38.37 1.32
N THR A 123 -21.85 -38.94 1.35
CA THR A 123 -22.54 -39.37 0.13
C THR A 123 -22.95 -38.17 -0.72
N GLU A 124 -23.49 -37.14 -0.07
CA GLU A 124 -24.00 -35.97 -0.76
C GLU A 124 -22.85 -35.13 -1.34
N LEU A 125 -21.63 -35.45 -0.92
CA LEU A 125 -20.42 -34.75 -1.36
C LEU A 125 -19.91 -35.29 -2.70
N GLN A 126 -20.25 -36.54 -3.00
CA GLN A 126 -19.75 -37.17 -4.22
C GLN A 126 -20.24 -36.42 -5.44
N VAL A 127 -21.38 -35.75 -5.30
CA VAL A 127 -21.88 -34.87 -6.34
C VAL A 127 -20.95 -33.65 -6.40
N ASN A 128 -20.52 -33.22 -7.59
CA ASN A 128 -19.64 -32.06 -7.69
C ASN A 128 -20.13 -31.06 -8.74
N GLY A 129 -20.83 -30.03 -8.27
CA GLY A 129 -21.28 -28.91 -9.09
C GLY A 129 -22.03 -29.23 -10.38
N GLU A 130 -22.16 -28.21 -11.21
CA GLU A 130 -22.89 -28.29 -12.48
C GLU A 130 -21.98 -28.20 -13.71
N SER A 131 -22.46 -28.79 -14.81
CA SER A 131 -21.77 -28.75 -16.09
C SER A 131 -22.35 -27.62 -16.95
N GLY A 132 -21.54 -26.61 -17.23
CA GLY A 132 -21.94 -25.48 -18.06
C GLY A 132 -20.77 -24.96 -18.87
N SER A 133 -21.08 -24.35 -20.02
CA SER A 133 -20.06 -23.81 -20.91
C SER A 133 -19.97 -22.29 -20.75
N ARG A 134 -18.74 -21.78 -20.86
CA ARG A 134 -18.43 -20.37 -20.59
C ARG A 134 -18.98 -19.90 -19.23
N PRO A 135 -18.68 -20.64 -18.15
CA PRO A 135 -19.17 -20.22 -16.83
C PRO A 135 -18.31 -19.15 -16.19
N TYR A 136 -18.92 -18.40 -15.27
CA TYR A 136 -18.14 -17.53 -14.42
C TYR A 136 -17.23 -18.36 -13.52
N ALA A 137 -16.13 -17.78 -13.11
CA ALA A 137 -15.22 -18.46 -12.20
C ALA A 137 -14.77 -17.48 -11.13
N ILE A 138 -14.64 -17.97 -9.91
CA ILE A 138 -14.21 -17.13 -8.81
C ILE A 138 -13.08 -17.80 -8.08
N VAL A 139 -12.10 -17.01 -7.68
CA VAL A 139 -10.99 -17.52 -6.90
C VAL A 139 -10.81 -16.65 -5.65
N ILE A 140 -10.82 -17.30 -4.49
CA ILE A 140 -10.63 -16.61 -3.23
C ILE A 140 -9.53 -17.27 -2.42
N PRO A 141 -8.43 -16.53 -2.23
CA PRO A 141 -7.37 -17.02 -1.35
C PRO A 141 -7.72 -16.77 0.12
N ILE A 142 -7.18 -17.63 0.97
CA ILE A 142 -7.54 -17.64 2.37
C ILE A 142 -6.32 -17.88 3.24
N LYS A 143 -6.18 -17.01 4.24
CA LYS A 143 -5.24 -17.21 5.33
C LYS A 143 -6.05 -17.35 6.60
N LYS A 144 -5.92 -18.49 7.27
CA LYS A 144 -6.52 -18.64 8.59
C LYS A 144 -5.60 -18.13 9.70
N ASP A 145 -6.22 -17.63 10.78
CA ASP A 145 -5.46 -17.10 11.94
C ASP A 145 -4.80 -18.18 12.79
N ALA A 146 -3.92 -17.76 13.69
CA ALA A 146 -3.19 -18.69 14.56
C ALA A 146 -4.14 -19.43 15.50
N GLU A 147 -5.21 -18.75 15.92
CA GLU A 147 -6.27 -19.35 16.74
C GLU A 147 -6.72 -20.67 16.12
N TRP A 148 -6.87 -20.66 14.80
CA TRP A 148 -7.39 -21.80 14.10
C TRP A 148 -6.47 -23.00 14.20
N TRP A 149 -5.17 -22.74 14.15
CA TRP A 149 -4.21 -23.83 14.11
C TRP A 149 -4.04 -24.34 15.54
N ALA A 150 -4.30 -23.48 16.50
CA ALA A 150 -4.16 -23.85 17.92
C ALA A 150 -5.21 -24.88 18.31
N LEU A 151 -6.37 -24.81 17.68
CA LEU A 151 -7.40 -25.80 17.88
C LEU A 151 -6.92 -27.22 17.62
N ASP A 152 -7.60 -28.16 18.27
CA ASP A 152 -7.40 -29.60 18.05
C ASP A 152 -8.29 -30.04 16.90
N GLN A 153 -8.07 -31.27 16.41
CA GLN A 153 -8.79 -31.79 15.23
C GLN A 153 -10.30 -31.75 15.39
N GLU A 154 -10.79 -32.29 16.50
CA GLU A 154 -12.23 -32.44 16.73
C GLU A 154 -12.93 -31.10 16.61
N ALA A 155 -12.28 -30.08 17.15
CA ALA A 155 -12.82 -28.74 17.10
C ALA A 155 -12.85 -28.24 15.66
N ARG A 156 -11.74 -28.44 14.94
CA ARG A 156 -11.64 -27.98 13.56
C ARG A 156 -12.59 -28.77 12.68
N THR A 157 -12.59 -30.08 12.87
CA THR A 157 -13.44 -31.00 12.13
C THR A 157 -14.92 -30.61 12.23
N ALA A 158 -15.35 -30.20 13.42
CA ALA A 158 -16.76 -29.84 13.66
C ALA A 158 -17.11 -28.55 12.91
N LEU A 159 -16.18 -27.61 12.96
CA LEU A 159 -16.29 -26.35 12.24
C LEU A 159 -16.38 -26.57 10.73
N MET A 160 -15.56 -27.47 10.20
CA MET A 160 -15.59 -27.72 8.76
C MET A 160 -16.86 -28.49 8.41
N GLN A 161 -17.37 -29.26 9.37
CA GLN A 161 -18.60 -29.99 9.17
C GLN A 161 -19.75 -29.01 9.03
N GLU A 162 -19.75 -27.97 9.87
CA GLU A 162 -20.78 -26.93 9.81
C GLU A 162 -20.65 -26.14 8.52
N HIS A 163 -19.41 -25.86 8.14
CA HIS A 163 -19.08 -25.26 6.84
C HIS A 163 -19.72 -26.08 5.73
N THR A 164 -19.39 -27.37 5.69
CA THR A 164 -19.93 -28.28 4.68
C THR A 164 -21.44 -28.28 4.65
N GLN A 165 -22.07 -28.39 5.82
CA GLN A 165 -23.52 -28.47 5.94
C GLN A 165 -24.22 -27.30 5.26
N ALA A 166 -23.68 -26.10 5.44
CA ALA A 166 -24.27 -24.88 4.91
C ALA A 166 -24.02 -24.72 3.42
N ALA A 167 -23.02 -25.44 2.91
CA ALA A 167 -22.58 -25.26 1.54
C ALA A 167 -23.14 -26.30 0.58
N LEU A 168 -23.43 -27.48 1.09
CA LEU A 168 -23.85 -28.61 0.26
C LEU A 168 -25.00 -28.30 -0.71
N PRO A 169 -26.05 -27.59 -0.26
CA PRO A 169 -27.18 -27.39 -1.19
C PRO A 169 -26.85 -26.44 -2.34
N TYR A 170 -25.64 -25.90 -2.33
CA TYR A 170 -25.16 -25.02 -3.39
C TYR A 170 -24.23 -25.78 -4.31
N LEU A 171 -23.90 -27.00 -3.91
CA LEU A 171 -23.08 -27.88 -4.71
C LEU A 171 -23.82 -28.34 -5.97
N LYS A 172 -25.11 -28.02 -6.03
CA LYS A 172 -25.91 -28.27 -7.24
C LYS A 172 -25.49 -27.39 -8.41
N THR A 173 -25.23 -26.12 -8.13
CA THR A 173 -25.09 -25.09 -9.15
C THR A 173 -23.72 -24.45 -9.03
N VAL A 174 -22.82 -25.11 -8.31
CA VAL A 174 -21.48 -24.58 -8.10
C VAL A 174 -20.46 -25.71 -8.08
N LYS A 175 -19.43 -25.60 -8.92
CA LYS A 175 -18.30 -26.50 -8.85
C LYS A 175 -17.28 -25.84 -7.94
N GLU A 176 -16.43 -26.66 -7.34
CA GLU A 176 -15.50 -26.20 -6.34
C GLU A 176 -14.21 -26.97 -6.43
N LYS A 177 -13.14 -26.35 -5.96
CA LYS A 177 -11.88 -27.03 -5.81
C LYS A 177 -11.07 -26.29 -4.80
N LEU A 178 -10.24 -27.02 -4.08
CA LEU A 178 -9.52 -26.46 -2.94
C LEU A 178 -8.06 -26.87 -3.05
N TYR A 179 -7.16 -25.88 -2.87
CA TYR A 179 -5.72 -26.10 -2.93
C TYR A 179 -5.04 -25.64 -1.67
N HIS A 180 -4.04 -26.40 -1.24
CA HIS A 180 -3.29 -26.08 -0.04
C HIS A 180 -2.00 -25.34 -0.40
N SER A 181 -1.97 -24.08 0.04
CA SER A 181 -1.03 -23.11 -0.46
C SER A 181 0.05 -22.76 0.55
N THR A 182 -0.14 -23.19 1.80
CA THR A 182 0.78 -22.81 2.89
C THR A 182 2.26 -23.11 2.55
N GLY A 183 3.13 -22.12 2.73
CA GLY A 183 4.54 -22.31 2.46
C GLY A 183 4.97 -22.05 1.01
N LEU A 184 3.99 -21.86 0.13
CA LEU A 184 4.26 -21.56 -1.28
C LEU A 184 4.00 -20.09 -1.55
N ASP A 185 3.24 -19.46 -0.66
CA ASP A 185 2.97 -18.03 -0.75
C ASP A 185 2.35 -17.53 0.56
N ASP A 186 1.79 -16.32 0.54
CA ASP A 186 1.29 -15.70 1.75
C ASP A 186 -0.13 -16.12 2.11
N VAL A 187 -0.53 -17.33 1.69
CA VAL A 187 -1.81 -17.90 2.08
C VAL A 187 -1.82 -19.40 2.35
N ASP A 188 -2.93 -19.86 2.92
CA ASP A 188 -3.09 -21.25 3.32
C ASP A 188 -3.87 -22.01 2.31
N PHE A 189 -4.89 -21.35 1.78
CA PHE A 189 -5.77 -22.00 0.84
C PHE A 189 -6.10 -21.15 -0.36
N ILE A 190 -6.26 -21.83 -1.49
CA ILE A 190 -6.78 -21.21 -2.67
C ILE A 190 -8.08 -21.94 -2.93
N THR A 191 -9.17 -21.17 -2.97
CA THR A 191 -10.47 -21.74 -3.24
C THR A 191 -10.89 -21.25 -4.63
N TYR A 192 -11.47 -22.16 -5.40
CA TYR A 192 -11.87 -21.90 -6.78
C TYR A 192 -13.25 -22.45 -7.03
N PHE A 193 -14.07 -21.65 -7.70
CA PHE A 193 -15.45 -21.99 -7.97
C PHE A 193 -15.90 -21.65 -9.37
N GLU A 194 -16.73 -22.53 -9.94
CA GLU A 194 -17.38 -22.29 -11.23
C GLU A 194 -18.89 -22.26 -11.04
N THR A 195 -19.56 -21.34 -11.72
CA THR A 195 -21.01 -21.28 -11.72
C THR A 195 -21.59 -20.40 -12.83
N GLU A 196 -22.79 -20.75 -13.29
CA GLU A 196 -23.55 -19.94 -14.22
C GLU A 196 -24.44 -18.97 -13.46
N ARG A 197 -24.63 -19.24 -12.18
CA ARG A 197 -25.50 -18.41 -11.36
C ARG A 197 -24.70 -17.79 -10.24
N LEU A 198 -24.57 -16.48 -10.30
CA LEU A 198 -23.73 -15.79 -9.34
C LEU A 198 -24.46 -15.47 -8.03
N GLU A 199 -25.79 -15.40 -8.06
CA GLU A 199 -26.55 -15.14 -6.83
C GLU A 199 -26.41 -16.34 -5.92
N ASP A 200 -26.45 -17.53 -6.50
CA ASP A 200 -26.31 -18.77 -5.75
C ASP A 200 -24.96 -18.73 -5.07
N PHE A 201 -23.96 -18.30 -5.82
CA PHE A 201 -22.62 -18.24 -5.24
C PHE A 201 -22.57 -17.19 -4.15
N HIS A 202 -23.32 -16.12 -4.33
CA HIS A 202 -23.39 -15.02 -3.37
C HIS A 202 -24.04 -15.49 -2.09
N ASN A 203 -25.23 -16.09 -2.24
CA ASN A 203 -26.00 -16.66 -1.13
C ASN A 203 -25.16 -17.70 -0.42
N LEU A 204 -24.42 -18.47 -1.21
CA LEU A 204 -23.50 -19.48 -0.69
C LEU A 204 -22.46 -18.85 0.22
N VAL A 205 -21.98 -17.66 -0.13
CA VAL A 205 -20.91 -17.07 0.65
C VAL A 205 -21.49 -16.44 1.91
N ARG A 206 -22.67 -15.82 1.80
CA ARG A 206 -23.32 -15.24 2.98
C ARG A 206 -23.53 -16.33 4.01
N ALA A 207 -24.07 -17.45 3.54
CA ALA A 207 -24.30 -18.64 4.37
C ALA A 207 -23.06 -19.02 5.17
N LEU A 208 -21.91 -19.04 4.51
CA LEU A 208 -20.67 -19.42 5.16
C LEU A 208 -20.07 -18.33 6.04
N GLN A 209 -20.57 -17.11 5.92
CA GLN A 209 -20.10 -16.05 6.78
C GLN A 209 -20.68 -16.25 8.21
N GLN A 210 -21.71 -17.09 8.30
CA GLN A 210 -22.50 -17.28 9.52
C GLN A 210 -22.11 -18.49 10.38
N VAL A 211 -21.33 -19.40 9.82
CA VAL A 211 -20.75 -20.49 10.59
C VAL A 211 -19.62 -19.93 11.43
N LYS A 212 -19.07 -20.75 12.32
CA LYS A 212 -18.00 -20.29 13.21
C LYS A 212 -16.64 -20.21 12.54
N GLU A 213 -16.38 -21.07 11.57
CA GLU A 213 -15.11 -21.02 10.83
C GLU A 213 -14.77 -19.61 10.36
N PHE A 214 -15.78 -18.87 9.89
CA PHE A 214 -15.53 -17.60 9.23
C PHE A 214 -14.68 -16.60 10.03
N ARG A 215 -14.84 -16.60 11.36
CA ARG A 215 -14.12 -15.67 12.22
C ARG A 215 -12.62 -15.93 12.14
N HIS A 216 -12.28 -17.14 11.73
CA HIS A 216 -10.89 -17.56 11.69
C HIS A 216 -10.23 -17.24 10.35
N ASN A 217 -11.00 -16.70 9.41
CA ASN A 217 -10.44 -16.34 8.12
C ASN A 217 -9.83 -14.95 8.19
N ARG A 218 -8.54 -14.93 8.50
CA ARG A 218 -7.78 -13.69 8.73
C ARG A 218 -7.70 -12.86 7.45
N ARG A 219 -7.48 -13.55 6.34
CA ARG A 219 -7.50 -12.95 5.02
C ARG A 219 -8.61 -13.63 4.24
N PHE A 220 -9.52 -12.84 3.70
CA PHE A 220 -10.64 -13.38 2.94
C PHE A 220 -10.83 -12.61 1.65
N GLY A 221 -10.34 -13.22 0.56
CA GLY A 221 -10.19 -12.54 -0.72
C GLY A 221 -8.87 -11.78 -0.75
N HIS A 222 -8.92 -10.53 -1.19
CA HIS A 222 -7.72 -9.69 -1.34
C HIS A 222 -6.57 -10.38 -2.04
N PRO A 223 -6.74 -10.61 -3.35
CA PRO A 223 -7.90 -10.16 -4.12
C PRO A 223 -9.02 -11.19 -4.21
N THR A 224 -10.24 -10.73 -4.47
CA THR A 224 -11.32 -11.61 -4.90
C THR A 224 -11.41 -11.59 -6.43
N LEU A 225 -10.98 -12.67 -7.08
CA LEU A 225 -10.90 -12.69 -8.53
C LEU A 225 -12.17 -13.18 -9.21
N LEU A 226 -12.85 -12.27 -9.88
CA LEU A 226 -14.01 -12.63 -10.70
C LEU A 226 -13.66 -12.65 -12.19
N GLY A 227 -14.02 -13.73 -12.85
CA GLY A 227 -13.81 -13.83 -14.29
C GLY A 227 -14.82 -14.75 -14.94
N THR A 228 -14.63 -14.95 -16.23
CA THR A 228 -15.45 -15.88 -17.00
C THR A 228 -14.49 -16.80 -17.75
N MET A 229 -14.80 -18.08 -17.70
CA MET A 229 -13.99 -19.10 -18.33
C MET A 229 -14.20 -19.06 -19.84
N SER A 230 -13.12 -19.15 -20.59
CA SER A 230 -13.22 -19.06 -22.04
C SER A 230 -12.01 -19.71 -22.70
N PRO A 231 -12.16 -20.09 -23.97
CA PRO A 231 -10.97 -20.55 -24.70
C PRO A 231 -10.03 -19.37 -24.95
N LEU A 232 -8.74 -19.62 -24.91
CA LEU A 232 -7.75 -18.55 -24.98
C LEU A 232 -7.93 -17.68 -26.23
N ASP A 233 -8.36 -18.31 -27.31
CA ASP A 233 -8.55 -17.66 -28.62
C ASP A 233 -9.47 -16.43 -28.54
N GLU A 234 -10.65 -16.66 -27.96
CA GLU A 234 -11.69 -15.63 -27.81
C GLU A 234 -11.15 -14.35 -27.18
N ILE A 235 -10.19 -14.51 -26.28
CA ILE A 235 -9.65 -13.40 -25.51
C ILE A 235 -8.72 -12.56 -26.36
N LEU A 236 -7.79 -13.26 -26.99
CA LEU A 236 -6.72 -12.65 -27.75
C LEU A 236 -7.28 -11.93 -28.97
N GLU A 237 -8.31 -12.51 -29.56
CA GLU A 237 -8.99 -11.91 -30.71
C GLU A 237 -9.43 -10.48 -30.43
N LYS A 238 -9.71 -10.19 -29.16
CA LYS A 238 -10.08 -8.83 -28.73
C LYS A 238 -8.91 -7.84 -28.85
N PHE A 239 -7.70 -8.38 -28.78
CA PHE A 239 -6.47 -7.59 -28.78
C PHE A 239 -5.90 -7.43 -30.19
N ALA A 240 -6.75 -7.66 -31.19
CA ALA A 240 -6.34 -7.61 -32.58
C ALA A 240 -7.07 -6.46 -33.27
N GLN A 241 -8.31 -6.23 -32.86
CA GLN A 241 -9.13 -5.18 -33.44
C GLN A 241 -8.76 -3.81 -32.87
N ALA B 2 37.45 29.33 9.67
CA ALA B 2 36.68 29.62 10.93
C ALA B 2 35.27 28.98 10.88
N MET B 3 35.02 28.02 11.78
CA MET B 3 33.81 27.19 11.71
C MET B 3 33.01 27.21 13.01
N ALA B 4 33.21 26.20 13.85
CA ALA B 4 32.58 26.10 15.17
C ALA B 4 31.08 25.83 15.07
N ASP B 5 30.39 26.66 14.29
CA ASP B 5 28.95 26.55 14.08
C ASP B 5 28.55 25.18 13.53
N ARG B 6 29.46 24.57 12.76
CA ARG B 6 29.24 23.22 12.24
C ARG B 6 28.78 22.22 13.29
N GLU B 7 29.54 22.07 14.36
CA GLU B 7 29.18 21.14 15.42
C GLU B 7 28.11 21.76 16.31
N LYS B 8 27.81 23.04 16.06
CA LYS B 8 26.85 23.79 16.87
C LYS B 8 25.43 23.49 16.37
N LEU B 9 25.35 22.79 15.23
CA LEU B 9 24.07 22.34 14.69
C LEU B 9 23.92 20.86 15.03
N LEU B 10 25.04 20.15 15.05
CA LEU B 10 25.05 18.70 15.28
C LEU B 10 24.86 18.32 16.75
N THR B 11 24.74 19.34 17.59
CA THR B 11 24.84 19.16 19.04
C THR B 11 23.85 20.04 19.81
N GLU B 12 23.61 21.25 19.31
CA GLU B 12 22.80 22.22 20.04
C GLU B 12 21.30 21.91 19.87
N SER B 13 20.48 22.52 20.73
CA SER B 13 19.03 22.36 20.69
C SER B 13 18.37 23.51 19.91
N GLY B 14 17.19 23.28 19.37
CA GLY B 14 16.50 24.27 18.56
C GLY B 14 16.95 24.14 17.12
N VAL B 15 17.63 23.03 16.85
CA VAL B 15 18.17 22.78 15.52
C VAL B 15 17.31 21.75 14.80
N TYR B 16 16.60 22.19 13.77
CA TYR B 16 15.80 21.27 12.97
C TYR B 16 16.76 20.39 12.20
N GLY B 17 16.42 19.11 12.12
CA GLY B 17 17.23 18.16 11.41
C GLY B 17 16.31 17.52 10.39
N THR B 18 16.81 17.22 9.19
CA THR B 18 15.96 16.63 8.17
C THR B 18 16.63 15.45 7.50
N PHE B 19 15.81 14.49 7.10
CA PHE B 19 16.31 13.28 6.48
C PHE B 19 15.62 13.16 5.13
N ALA B 20 16.41 13.26 4.06
CA ALA B 20 15.85 13.32 2.71
C ALA B 20 16.43 12.25 1.84
N THR B 21 15.55 11.38 1.35
CA THR B 21 15.91 10.27 0.50
C THR B 21 15.50 10.57 -0.89
N PHE B 22 16.31 10.06 -1.82
CA PHE B 22 16.08 10.22 -3.24
C PHE B 22 16.39 8.94 -3.95
N GLN B 23 15.59 8.69 -4.99
CA GLN B 23 15.86 7.60 -5.90
C GLN B 23 16.11 8.19 -7.29
N MET B 24 17.16 7.69 -7.92
CA MET B 24 17.56 8.16 -9.23
C MET B 24 16.75 7.49 -10.34
N ASP B 25 16.30 8.28 -11.31
CA ASP B 25 15.64 7.73 -12.51
C ASP B 25 16.55 6.78 -13.24
N HIS B 26 15.94 5.88 -13.99
CA HIS B 26 16.69 4.93 -14.78
C HIS B 26 17.31 5.66 -15.97
N ASP B 27 16.54 6.56 -16.60
CA ASP B 27 17.01 7.32 -17.78
C ASP B 27 18.26 8.16 -17.50
N TRP B 28 18.57 8.38 -16.22
CA TRP B 28 19.75 9.17 -15.85
C TRP B 28 21.02 8.58 -16.46
N TRP B 29 21.02 7.26 -16.62
CA TRP B 29 22.17 6.55 -17.16
C TRP B 29 22.19 6.60 -18.69
N ASP B 30 21.07 7.00 -19.29
CA ASP B 30 21.04 7.25 -20.73
C ASP B 30 21.79 8.54 -21.06
N LEU B 31 22.21 9.27 -20.03
CA LEU B 31 22.99 10.49 -20.24
C LEU B 31 24.45 10.13 -20.48
N PRO B 32 25.15 10.95 -21.28
CA PRO B 32 26.61 10.78 -21.48
C PRO B 32 27.40 11.04 -20.20
N GLY B 33 28.50 10.31 -20.01
CA GLY B 33 29.33 10.49 -18.84
C GLY B 33 29.77 11.94 -18.69
N GLU B 34 29.93 12.64 -19.81
CA GLU B 34 30.34 14.04 -19.77
C GLU B 34 29.20 14.89 -19.21
N SER B 35 27.97 14.56 -19.59
CA SER B 35 26.82 15.33 -19.14
C SER B 35 26.63 15.20 -17.62
N ARG B 36 26.90 14.02 -17.09
CA ARG B 36 26.62 13.72 -15.68
C ARG B 36 27.60 14.43 -14.74
N VAL B 37 28.89 14.39 -15.08
CA VAL B 37 29.95 15.00 -14.26
C VAL B 37 29.75 16.51 -14.19
N ILE B 38 29.17 17.06 -15.25
CA ILE B 38 28.84 18.47 -15.30
C ILE B 38 27.72 18.71 -14.32
N SER B 39 26.75 17.80 -14.34
CA SER B 39 25.61 17.82 -13.44
C SER B 39 26.08 17.69 -11.98
N VAL B 40 27.07 16.83 -11.75
CA VAL B 40 27.65 16.62 -10.41
C VAL B 40 28.12 17.91 -9.76
N ALA B 41 28.94 18.65 -10.51
CA ALA B 41 29.57 19.86 -10.02
C ALA B 41 28.54 20.94 -9.75
N GLU B 42 27.46 20.93 -10.54
CA GLU B 42 26.38 21.87 -10.33
C GLU B 42 25.88 21.68 -8.89
N VAL B 43 25.62 20.42 -8.53
CA VAL B 43 25.16 20.08 -7.19
C VAL B 43 26.22 20.46 -6.16
N LYS B 44 27.44 20.00 -6.39
CA LYS B 44 28.54 20.27 -5.46
C LYS B 44 28.68 21.75 -5.13
N GLY B 45 28.40 22.61 -6.10
CA GLY B 45 28.57 24.04 -5.93
C GLY B 45 27.39 24.58 -5.17
N LEU B 46 26.20 24.10 -5.51
CA LEU B 46 24.98 24.48 -4.78
C LEU B 46 25.15 24.21 -3.29
N VAL B 47 25.76 23.08 -2.98
CA VAL B 47 26.00 22.69 -1.59
C VAL B 47 26.98 23.65 -0.95
N GLU B 48 28.08 23.94 -1.64
CA GLU B 48 29.09 24.86 -1.12
C GLU B 48 28.49 26.24 -0.96
N GLN B 49 27.51 26.56 -1.80
CA GLN B 49 26.80 27.82 -1.70
C GLN B 49 26.00 27.90 -0.40
N TRP B 50 25.35 26.80 -0.03
CA TRP B 50 24.52 26.73 1.17
C TRP B 50 25.33 26.41 2.43
N SER B 51 26.64 26.15 2.25
CA SER B 51 27.54 25.81 3.36
C SER B 51 27.54 26.81 4.52
N GLY B 52 26.96 27.98 4.30
CA GLY B 52 26.96 28.99 5.34
C GLY B 52 25.73 28.85 6.22
N LYS B 53 24.58 28.65 5.58
CA LYS B 53 23.28 28.59 6.27
C LYS B 53 22.99 27.25 6.94
N ILE B 54 23.24 26.14 6.25
CA ILE B 54 22.89 24.82 6.74
C ILE B 54 24.08 23.87 6.70
N LEU B 55 23.93 22.76 7.41
CA LEU B 55 24.90 21.68 7.37
C LEU B 55 24.25 20.51 6.67
N VAL B 56 25.07 19.80 5.92
CA VAL B 56 24.60 18.73 5.07
C VAL B 56 25.57 17.55 5.10
N GLU B 57 25.02 16.37 5.39
CA GLU B 57 25.78 15.14 5.31
C GLU B 57 25.12 14.26 4.26
N SER B 58 25.90 13.36 3.68
CA SER B 58 25.41 12.55 2.59
C SER B 58 25.65 11.10 2.94
N TYR B 59 24.75 10.26 2.47
CA TYR B 59 24.82 8.85 2.79
C TYR B 59 24.43 8.12 1.53
N LEU B 60 25.17 7.05 1.24
CA LEU B 60 24.85 6.21 0.11
C LEU B 60 23.92 5.05 0.53
N LEU B 61 22.66 5.11 0.12
CA LEU B 61 21.67 4.10 0.50
C LEU B 61 21.46 3.01 -0.52
N ARG B 62 21.96 3.26 -1.73
CA ARG B 62 21.89 2.34 -2.86
C ARG B 62 22.53 1.01 -2.51
N GLY B 63 21.78 -0.08 -2.65
CA GLY B 63 22.35 -1.39 -2.36
C GLY B 63 22.26 -1.83 -0.91
N LEU B 64 21.67 -0.98 -0.06
CA LEU B 64 21.44 -1.33 1.35
C LEU B 64 19.99 -1.09 1.75
N SER B 65 19.40 -0.05 1.17
CA SER B 65 18.03 0.33 1.49
C SER B 65 17.17 0.30 0.25
N ASP B 66 16.05 -0.37 0.35
CA ASP B 66 15.14 -0.50 -0.76
C ASP B 66 14.59 0.86 -1.21
N HIS B 67 14.42 0.98 -2.52
CA HIS B 67 13.84 2.15 -3.21
C HIS B 67 14.53 3.48 -2.87
N ALA B 68 15.85 3.42 -2.68
CA ALA B 68 16.62 4.61 -2.30
C ALA B 68 18.11 4.48 -2.64
N ASP B 69 18.70 5.58 -3.11
CA ASP B 69 20.10 5.63 -3.50
C ASP B 69 20.87 6.57 -2.62
N LEU B 70 20.22 7.69 -2.34
CA LEU B 70 20.91 8.79 -1.71
C LEU B 70 20.14 9.32 -0.52
N MET B 71 20.88 9.76 0.49
CA MET B 71 20.30 10.45 1.63
C MET B 71 21.13 11.64 2.09
N PHE B 72 20.40 12.72 2.34
CA PHE B 72 20.93 13.87 3.02
C PHE B 72 20.40 13.93 4.45
N ARG B 73 21.32 14.17 5.38
CA ARG B 73 20.94 14.63 6.69
C ARG B 73 21.25 16.11 6.81
N VAL B 74 20.19 16.90 6.85
CA VAL B 74 20.30 18.36 6.85
C VAL B 74 19.91 19.00 8.17
N HIS B 75 20.86 19.72 8.77
CA HIS B 75 20.59 20.52 9.96
C HIS B 75 20.44 22.00 9.63
N ALA B 76 19.36 22.60 10.12
CA ALA B 76 19.08 24.00 9.92
C ALA B 76 18.34 24.54 11.11
N ARG B 77 18.30 25.85 11.21
CA ARG B 77 17.66 26.55 12.29
C ARG B 77 16.33 27.10 11.83
N THR B 78 16.04 26.86 10.56
CA THR B 78 14.71 27.09 10.03
C THR B 78 14.52 26.06 8.93
N LEU B 79 13.33 25.49 8.83
CA LEU B 79 13.07 24.45 7.85
C LEU B 79 12.94 25.04 6.46
N SER B 80 12.64 26.33 6.38
CA SER B 80 12.51 27.01 5.09
C SER B 80 13.84 26.95 4.36
N ASP B 81 14.92 27.22 5.08
CA ASP B 81 16.27 27.16 4.51
C ASP B 81 16.53 25.75 3.97
N THR B 82 16.02 24.76 4.70
CA THR B 82 16.14 23.36 4.31
C THR B 82 15.25 23.08 3.12
N GLN B 83 14.06 23.69 3.13
CA GLN B 83 13.11 23.51 2.07
C GLN B 83 13.73 24.05 0.79
N GLN B 84 14.20 25.28 0.86
CA GLN B 84 14.77 25.95 -0.30
C GLN B 84 15.94 25.18 -0.87
N PHE B 85 16.85 24.80 0.01
CA PHE B 85 18.00 24.04 -0.43
C PHE B 85 17.59 22.77 -1.14
N LEU B 86 16.55 22.11 -0.63
CA LEU B 86 16.16 20.82 -1.15
C LEU B 86 15.43 20.97 -2.49
N SER B 87 14.66 22.03 -2.65
CA SER B 87 13.92 22.24 -3.88
C SER B 87 14.87 22.66 -5.00
N ALA B 88 15.88 23.43 -4.60
CA ALA B 88 16.98 23.83 -5.46
C ALA B 88 17.73 22.60 -5.90
N PHE B 89 18.09 21.77 -4.93
CA PHE B 89 18.83 20.55 -5.20
C PHE B 89 18.11 19.69 -6.21
N MET B 90 16.79 19.66 -6.10
CA MET B 90 15.97 18.86 -7.00
C MET B 90 15.84 19.61 -8.33
N GLY B 91 16.28 20.86 -8.29
CA GLY B 91 16.30 21.74 -9.45
C GLY B 91 17.49 21.53 -10.37
N THR B 92 18.59 21.00 -9.84
CA THR B 92 19.77 20.73 -10.66
C THR B 92 19.43 19.69 -11.74
N ARG B 93 20.21 19.64 -12.81
CA ARG B 93 19.99 18.68 -13.90
C ARG B 93 19.99 17.30 -13.29
N LEU B 94 20.82 17.09 -12.27
CA LEU B 94 20.79 15.83 -11.54
C LEU B 94 19.50 15.66 -10.76
N GLY B 95 19.13 16.67 -9.98
CA GLY B 95 17.92 16.67 -9.19
C GLY B 95 16.69 16.47 -10.03
N ARG B 96 16.74 17.01 -11.25
CA ARG B 96 15.65 16.86 -12.22
C ARG B 96 15.36 15.41 -12.51
N HIS B 97 16.36 14.56 -12.28
CA HIS B 97 16.18 13.12 -12.49
C HIS B 97 16.09 12.33 -11.16
N LEU B 98 15.76 13.03 -10.06
CA LEU B 98 15.57 12.38 -8.77
C LEU B 98 14.15 12.40 -8.25
N THR B 99 13.65 11.23 -7.91
CA THR B 99 12.39 11.10 -7.18
C THR B 99 12.63 11.18 -5.67
N SER B 100 11.90 12.10 -5.03
CA SER B 100 11.95 12.29 -3.58
C SER B 100 11.42 11.03 -2.88
N GLY B 101 12.29 10.36 -2.13
CA GLY B 101 11.96 9.08 -1.52
C GLY B 101 11.13 9.18 -0.25
N GLY B 102 11.68 9.83 0.74
CA GLY B 102 10.99 10.02 2.00
C GLY B 102 11.54 11.26 2.65
N LEU B 103 10.85 11.74 3.68
CA LEU B 103 11.21 13.01 4.27
C LEU B 103 10.74 13.07 5.71
N LEU B 104 11.70 13.32 6.60
CA LEU B 104 11.43 13.34 8.03
C LEU B 104 12.08 14.53 8.70
N HIS B 105 11.27 15.32 9.38
CA HIS B 105 11.77 16.45 10.13
C HIS B 105 11.65 16.21 11.62
N GLY B 106 12.63 16.72 12.36
CA GLY B 106 12.60 16.64 13.80
C GLY B 106 13.58 17.62 14.42
N VAL B 107 13.18 18.18 15.56
CA VAL B 107 14.03 19.14 16.26
C VAL B 107 14.79 18.47 17.38
N SER B 108 15.96 19.00 17.70
CA SER B 108 16.77 18.49 18.79
C SER B 108 16.35 19.31 20.00
N LYS B 109 16.15 18.63 21.12
CA LYS B 109 15.62 19.24 22.33
C LYS B 109 16.51 19.07 23.55
N LYS B 110 16.10 19.73 24.62
CA LYS B 110 16.56 19.40 25.96
C LYS B 110 15.98 18.04 26.33
N PRO B 111 16.80 17.12 26.86
CA PRO B 111 16.25 15.80 27.25
C PRO B 111 15.20 15.93 28.35
N THR B 112 14.13 15.14 28.28
CA THR B 112 13.03 15.23 29.25
C THR B 112 13.25 14.36 30.49
N TYR B 113 13.69 13.13 30.29
CA TYR B 113 13.69 12.13 31.35
C TYR B 113 15.06 11.94 32.02
N VAL B 114 16.12 12.42 31.36
CA VAL B 114 17.50 12.14 31.79
C VAL B 114 17.77 12.75 33.17
N ALA B 115 17.15 13.90 33.44
CA ALA B 115 17.36 14.63 34.69
C ALA B 115 16.87 13.82 35.90
N GLY B 116 15.82 13.02 35.69
CA GLY B 116 15.27 12.19 36.75
C GLY B 116 15.94 10.83 36.85
N PHE B 117 17.16 10.73 36.33
CA PHE B 117 17.95 9.51 36.42
C PHE B 117 18.92 9.64 37.59
N PRO B 118 19.60 8.53 37.95
CA PRO B 118 20.71 8.60 38.91
C PRO B 118 21.88 9.42 38.33
N GLU B 119 22.66 10.08 39.19
CA GLU B 119 23.81 10.85 38.72
C GLU B 119 24.82 9.97 37.97
N SER B 120 24.96 8.72 38.38
CA SER B 120 25.92 7.79 37.75
C SER B 120 25.52 7.48 36.30
N MET B 121 24.22 7.50 36.05
CA MET B 121 23.70 7.19 34.73
C MET B 121 23.94 8.39 33.79
N LYS B 122 23.89 9.59 34.34
CA LYS B 122 24.14 10.82 33.56
C LYS B 122 25.60 10.91 33.13
N THR B 123 26.49 10.40 33.98
CA THR B 123 27.93 10.42 33.72
C THR B 123 28.29 9.55 32.53
N GLU B 124 27.76 8.33 32.51
CA GLU B 124 28.11 7.38 31.47
C GLU B 124 27.47 7.80 30.14
N LEU B 125 26.54 8.76 30.21
CA LEU B 125 25.87 9.27 29.02
C LEU B 125 26.72 10.36 28.38
N GLN B 126 27.54 11.01 29.19
CA GLN B 126 28.45 12.05 28.71
C GLN B 126 29.47 11.40 27.77
N VAL B 127 29.60 10.08 27.92
CA VAL B 127 30.48 9.24 27.11
C VAL B 127 30.08 9.36 25.65
N ASN B 128 31.09 9.35 24.79
CA ASN B 128 30.89 9.56 23.37
C ASN B 128 30.71 8.24 22.61
N GLY B 129 30.19 8.36 21.40
CA GLY B 129 30.10 7.25 20.45
C GLY B 129 31.46 6.76 20.00
N GLU B 130 31.49 6.16 18.81
CA GLU B 130 32.73 5.64 18.27
C GLU B 130 33.28 6.67 17.29
N SER B 131 34.60 6.74 17.17
CA SER B 131 35.24 7.64 16.21
C SER B 131 35.58 6.83 14.97
N GLY B 132 34.87 7.07 13.87
CA GLY B 132 35.15 6.37 12.64
C GLY B 132 34.84 7.17 11.39
N SER B 133 35.58 6.84 10.33
CA SER B 133 35.38 7.46 9.02
C SER B 133 34.63 6.46 8.15
N ARG B 134 33.75 6.97 7.30
CA ARG B 134 32.89 6.11 6.49
C ARG B 134 32.17 5.01 7.29
N PRO B 135 31.47 5.41 8.37
CA PRO B 135 30.73 4.40 9.13
C PRO B 135 29.41 4.12 8.49
N TYR B 136 28.81 2.98 8.82
CA TYR B 136 27.41 2.76 8.51
C TYR B 136 26.54 3.73 9.30
N ALA B 137 25.36 4.03 8.78
CA ALA B 137 24.42 4.91 9.46
C ALA B 137 23.02 4.36 9.35
N ILE B 138 22.29 4.39 10.46
CA ILE B 138 20.94 3.84 10.52
C ILE B 138 19.98 4.90 10.95
N VAL B 139 18.82 4.89 10.33
CA VAL B 139 17.74 5.78 10.72
C VAL B 139 16.48 4.96 10.98
N ILE B 140 15.88 5.17 12.16
CA ILE B 140 14.64 4.52 12.52
C ILE B 140 13.61 5.51 13.04
N PRO B 141 12.53 5.75 12.27
CA PRO B 141 11.44 6.57 12.77
C PRO B 141 10.53 5.76 13.67
N ILE B 142 9.95 6.45 14.63
CA ILE B 142 9.22 5.83 15.72
C ILE B 142 7.99 6.61 16.08
N LYS B 143 6.87 5.90 16.17
CA LYS B 143 5.65 6.46 16.74
C LYS B 143 5.25 5.73 18.00
N LYS B 144 5.07 6.47 19.08
CA LYS B 144 4.62 5.87 20.33
C LYS B 144 3.10 5.71 20.30
N ASP B 145 2.59 4.66 20.94
CA ASP B 145 1.14 4.47 20.97
C ASP B 145 0.47 5.45 21.94
N ALA B 146 -0.85 5.50 21.89
CA ALA B 146 -1.57 6.42 22.76
C ALA B 146 -1.40 6.05 24.25
N GLU B 147 -1.30 4.75 24.53
CA GLU B 147 -1.05 4.26 25.88
C GLU B 147 0.13 4.98 26.51
N TRP B 148 1.14 5.22 25.70
CA TRP B 148 2.37 5.83 26.18
C TRP B 148 2.14 7.26 26.67
N TRP B 149 1.29 8.00 25.96
CA TRP B 149 1.12 9.41 26.30
C TRP B 149 0.16 9.56 27.47
N ALA B 150 -0.68 8.56 27.68
CA ALA B 150 -1.64 8.57 28.77
C ALA B 150 -0.91 8.43 30.11
N LEU B 151 0.22 7.73 30.08
CA LEU B 151 1.09 7.66 31.26
C LEU B 151 1.55 9.02 31.78
N ASP B 152 1.80 9.03 33.09
CA ASP B 152 2.35 10.18 33.77
C ASP B 152 3.84 10.12 33.57
N GLN B 153 4.50 11.22 33.86
CA GLN B 153 5.91 11.37 33.58
C GLN B 153 6.79 10.36 34.30
N GLU B 154 6.55 10.20 35.60
CA GLU B 154 7.38 9.35 36.44
C GLU B 154 7.46 7.95 35.86
N ALA B 155 6.32 7.49 35.36
CA ALA B 155 6.26 6.16 34.78
C ALA B 155 7.14 6.11 33.52
N ARG B 156 6.99 7.13 32.67
CA ARG B 156 7.76 7.18 31.43
C ARG B 156 9.26 7.29 31.75
N THR B 157 9.59 8.18 32.69
CA THR B 157 10.96 8.37 33.10
C THR B 157 11.59 7.06 33.51
N ALA B 158 10.81 6.23 34.20
CA ALA B 158 11.32 4.97 34.71
C ALA B 158 11.59 4.02 33.56
N LEU B 159 10.69 4.01 32.59
CA LEU B 159 10.87 3.20 31.41
C LEU B 159 12.09 3.63 30.58
N MET B 160 12.26 4.93 30.41
CA MET B 160 13.37 5.43 29.61
C MET B 160 14.69 5.21 30.33
N GLN B 161 14.61 5.13 31.65
CA GLN B 161 15.78 4.82 32.45
C GLN B 161 16.20 3.37 32.16
N GLU B 162 15.22 2.48 32.02
CA GLU B 162 15.50 1.09 31.71
C GLU B 162 16.07 1.01 30.30
N HIS B 163 15.46 1.78 29.40
CA HIS B 163 15.95 1.95 28.04
C HIS B 163 17.42 2.34 28.04
N THR B 164 17.71 3.46 28.72
CA THR B 164 19.08 3.98 28.79
C THR B 164 20.03 2.95 29.37
N GLN B 165 19.61 2.32 30.45
CA GLN B 165 20.43 1.35 31.15
C GLN B 165 20.86 0.19 30.24
N ALA B 166 19.94 -0.25 29.38
CA ALA B 166 20.19 -1.38 28.47
C ALA B 166 21.08 -1.00 27.31
N ALA B 167 21.13 0.31 27.03
CA ALA B 167 21.76 0.83 25.82
C ALA B 167 23.14 1.40 26.10
N LEU B 168 23.39 1.84 27.32
CA LEU B 168 24.64 2.52 27.65
C LEU B 168 25.90 1.81 27.15
N PRO B 169 25.98 0.48 27.34
CA PRO B 169 27.25 -0.20 26.98
C PRO B 169 27.51 -0.27 25.46
N TYR B 170 26.58 0.27 24.69
CA TYR B 170 26.74 0.28 23.26
C TYR B 170 27.19 1.66 22.79
N LEU B 171 27.30 2.64 23.70
CA LEU B 171 27.88 3.93 23.28
C LEU B 171 29.38 3.83 23.01
N LYS B 172 29.98 2.68 23.32
CA LYS B 172 31.37 2.43 22.96
C LYS B 172 31.52 2.40 21.45
N THR B 173 30.60 1.74 20.75
CA THR B 173 30.76 1.44 19.32
C THR B 173 29.59 1.96 18.49
N VAL B 174 28.76 2.81 19.09
CA VAL B 174 27.60 3.35 18.38
C VAL B 174 27.34 4.78 18.82
N LYS B 175 27.27 5.68 17.85
CA LYS B 175 26.92 7.06 18.10
C LYS B 175 25.43 7.17 17.91
N GLU B 176 24.83 8.17 18.54
CA GLU B 176 23.40 8.30 18.51
C GLU B 176 22.96 9.75 18.48
N LYS B 177 21.78 9.99 17.94
CA LYS B 177 21.15 11.28 18.05
C LYS B 177 19.67 11.07 17.85
N LEU B 178 18.88 11.96 18.46
CA LEU B 178 17.44 11.83 18.54
C LEU B 178 16.73 13.13 18.20
N TYR B 179 15.70 13.04 17.39
CA TYR B 179 14.98 14.25 16.96
C TYR B 179 13.55 14.13 17.32
N HIS B 180 12.93 15.24 17.70
CA HIS B 180 11.53 15.22 18.09
C HIS B 180 10.64 15.66 16.94
N SER B 181 9.87 14.72 16.40
CA SER B 181 9.26 14.88 15.08
C SER B 181 7.74 15.09 15.10
N THR B 182 7.12 14.93 16.26
CA THR B 182 5.67 15.04 16.39
C THR B 182 5.14 16.35 15.82
N GLY B 183 4.09 16.26 15.00
CA GLY B 183 3.47 17.45 14.42
C GLY B 183 4.11 17.90 13.10
N LEU B 184 5.25 17.32 12.77
CA LEU B 184 5.95 17.65 11.51
C LEU B 184 5.75 16.56 10.48
N ASP B 185 5.37 15.39 10.94
CA ASP B 185 5.10 14.26 10.06
C ASP B 185 4.37 13.16 10.84
N ASP B 186 4.27 11.98 10.24
CA ASP B 186 3.50 10.87 10.80
C ASP B 186 4.31 10.07 11.82
N VAL B 187 5.28 10.70 12.48
CA VAL B 187 6.00 10.04 13.57
C VAL B 187 6.36 10.98 14.73
N ASP B 188 6.80 10.39 15.85
CA ASP B 188 7.05 11.15 17.07
C ASP B 188 8.49 11.48 17.22
N PHE B 189 9.32 10.53 16.85
CA PHE B 189 10.76 10.65 16.99
C PHE B 189 11.46 10.21 15.72
N ILE B 190 12.63 10.82 15.49
CA ILE B 190 13.56 10.31 14.51
C ILE B 190 14.84 9.93 15.24
N THR B 191 15.25 8.68 15.10
CA THR B 191 16.46 8.18 15.73
C THR B 191 17.49 7.95 14.66
N TYR B 192 18.74 8.29 14.99
CA TYR B 192 19.85 8.23 14.06
C TYR B 192 21.08 7.62 14.73
N PHE B 193 21.74 6.71 14.03
CA PHE B 193 22.88 6.00 14.60
C PHE B 193 24.01 5.80 13.59
N GLU B 194 25.24 5.94 14.07
CA GLU B 194 26.44 5.66 13.29
C GLU B 194 27.22 4.53 13.95
N THR B 195 27.80 3.66 13.15
CA THR B 195 28.65 2.61 13.71
C THR B 195 29.48 1.94 12.63
N GLU B 196 30.64 1.46 13.03
CA GLU B 196 31.49 0.64 12.17
C GLU B 196 31.10 -0.83 12.36
N ARG B 197 30.42 -1.11 13.46
CA ARG B 197 30.05 -2.48 13.77
C ARG B 197 28.55 -2.64 13.83
N LEU B 198 28.04 -3.36 12.84
CA LEU B 198 26.60 -3.48 12.68
C LEU B 198 26.03 -4.59 13.53
N GLU B 199 26.85 -5.58 13.86
CA GLU B 199 26.42 -6.68 14.69
C GLU B 199 26.15 -6.17 16.12
N ASP B 200 27.00 -5.26 16.59
CA ASP B 200 26.80 -4.60 17.89
C ASP B 200 25.50 -3.83 17.87
N PHE B 201 25.25 -3.16 16.75
CA PHE B 201 24.04 -2.36 16.62
C PHE B 201 22.81 -3.25 16.62
N HIS B 202 22.96 -4.44 16.06
CA HIS B 202 21.87 -5.39 16.02
C HIS B 202 21.53 -5.75 17.46
N ASN B 203 22.57 -6.17 18.20
CA ASN B 203 22.46 -6.51 19.59
C ASN B 203 21.91 -5.37 20.40
N LEU B 204 22.33 -4.17 20.07
CA LEU B 204 21.82 -3.00 20.76
C LEU B 204 20.31 -2.95 20.64
N VAL B 205 19.78 -3.29 19.46
CA VAL B 205 18.36 -3.11 19.20
C VAL B 205 17.55 -4.28 19.80
N ARG B 206 18.12 -5.48 19.76
CA ARG B 206 17.50 -6.66 20.38
C ARG B 206 17.26 -6.41 21.86
N ALA B 207 18.30 -5.93 22.53
CA ALA B 207 18.20 -5.59 23.93
C ALA B 207 17.00 -4.70 24.20
N LEU B 208 16.81 -3.66 23.40
CA LEU B 208 15.71 -2.74 23.64
C LEU B 208 14.35 -3.33 23.24
N GLN B 209 14.35 -4.44 22.51
CA GLN B 209 13.07 -5.04 22.18
C GLN B 209 12.52 -5.71 23.44
N GLN B 210 13.38 -5.92 24.43
CA GLN B 210 13.07 -6.67 25.64
C GLN B 210 12.65 -5.81 26.82
N VAL B 211 12.92 -4.51 26.75
CA VAL B 211 12.42 -3.60 27.78
C VAL B 211 10.94 -3.37 27.58
N LYS B 212 10.34 -2.69 28.55
CA LYS B 212 8.90 -2.48 28.63
C LYS B 212 8.47 -1.39 27.66
N GLU B 213 9.33 -0.40 27.45
CA GLU B 213 9.07 0.68 26.48
C GLU B 213 8.65 0.13 25.11
N PHE B 214 9.35 -0.90 24.67
CA PHE B 214 9.21 -1.37 23.31
C PHE B 214 7.78 -1.65 22.87
N ARG B 215 6.94 -2.14 23.78
CA ARG B 215 5.56 -2.50 23.44
C ARG B 215 4.74 -1.26 23.03
N HIS B 216 5.23 -0.07 23.40
CA HIS B 216 4.54 1.19 23.14
C HIS B 216 4.92 1.80 21.79
N ASN B 217 5.88 1.17 21.11
CA ASN B 217 6.29 1.64 19.80
C ASN B 217 5.35 1.09 18.77
N ARG B 218 4.33 1.89 18.45
CA ARG B 218 3.30 1.50 17.50
C ARG B 218 3.90 1.30 16.11
N ARG B 219 4.83 2.20 15.77
CA ARG B 219 5.68 2.08 14.59
C ARG B 219 7.15 2.07 14.99
N PHE B 220 7.84 1.07 14.47
CA PHE B 220 9.26 0.85 14.70
C PHE B 220 9.93 0.55 13.36
N GLY B 221 10.59 1.56 12.79
CA GLY B 221 11.10 1.49 11.43
C GLY B 221 9.99 1.87 10.44
N HIS B 222 9.83 1.06 9.39
CA HIS B 222 8.83 1.33 8.36
C HIS B 222 8.83 2.80 7.95
N PRO B 223 9.91 3.23 7.27
CA PRO B 223 11.01 2.36 6.87
C PRO B 223 12.19 2.37 7.83
N THR B 224 12.96 1.29 7.84
CA THR B 224 14.28 1.28 8.48
C THR B 224 15.38 1.57 7.42
N LEU B 225 15.97 2.76 7.49
CA LEU B 225 16.94 3.24 6.51
C LEU B 225 18.36 2.85 6.90
N LEU B 226 18.94 1.93 6.12
CA LEU B 226 20.34 1.55 6.29
C LEU B 226 21.21 2.23 5.22
N GLY B 227 22.33 2.80 5.64
CA GLY B 227 23.24 3.42 4.68
C GLY B 227 24.68 3.43 5.12
N THR B 228 25.50 4.09 4.32
CA THR B 228 26.87 4.31 4.72
C THR B 228 27.21 5.77 4.51
N MET B 229 27.85 6.34 5.52
CA MET B 229 28.21 7.75 5.53
C MET B 229 29.41 8.00 4.63
N SER B 230 29.32 9.03 3.81
CA SER B 230 30.38 9.29 2.84
C SER B 230 30.39 10.74 2.39
N PRO B 231 31.53 11.21 1.88
CA PRO B 231 31.58 12.56 1.30
C PRO B 231 30.75 12.61 0.04
N LEU B 232 30.08 13.73 -0.17
CA LEU B 232 29.10 13.81 -1.26
C LEU B 232 29.72 13.45 -2.62
N ASP B 233 30.98 13.83 -2.83
CA ASP B 233 31.69 13.56 -4.07
C ASP B 233 31.70 12.06 -4.41
N GLU B 234 32.14 11.24 -3.46
CA GLU B 234 32.20 9.78 -3.65
C GLU B 234 30.88 9.25 -4.18
N ILE B 235 29.79 9.86 -3.74
CA ILE B 235 28.46 9.41 -4.13
C ILE B 235 28.18 9.85 -5.55
N LEU B 236 28.42 11.13 -5.81
CA LEU B 236 28.15 11.68 -7.12
C LEU B 236 29.07 11.04 -8.16
N GLU B 237 30.33 10.78 -7.76
CA GLU B 237 31.30 10.12 -8.63
C GLU B 237 30.76 8.79 -9.18
N LYS B 238 29.96 8.11 -8.36
CA LYS B 238 29.33 6.86 -8.78
C LYS B 238 28.25 7.05 -9.82
N PHE B 239 27.63 8.22 -9.88
CA PHE B 239 26.50 8.36 -10.79
C PHE B 239 26.89 8.79 -12.19
N ALA B 240 28.21 8.78 -12.46
CA ALA B 240 28.68 9.04 -13.81
C ALA B 240 29.67 7.98 -14.27
N GLN B 241 30.60 7.63 -13.39
CA GLN B 241 31.67 6.69 -13.73
C GLN B 241 31.25 5.23 -13.64
N ASP C 5 36.37 -22.33 2.70
CA ASP C 5 36.66 -21.41 1.61
C ASP C 5 35.38 -20.79 1.04
N ARG C 6 34.97 -21.26 -0.14
CA ARG C 6 33.70 -20.93 -0.76
C ARG C 6 32.57 -21.05 0.27
N GLU C 7 32.55 -22.23 0.89
CA GLU C 7 31.56 -22.66 1.87
C GLU C 7 31.75 -22.07 3.26
N LYS C 8 32.81 -21.29 3.44
CA LYS C 8 33.19 -20.79 4.77
C LYS C 8 32.28 -19.60 5.11
N LEU C 9 31.51 -19.18 4.11
CA LEU C 9 30.55 -18.09 4.26
C LEU C 9 29.13 -18.62 4.49
N LEU C 10 28.85 -19.79 3.93
CA LEU C 10 27.51 -20.38 3.99
C LEU C 10 27.21 -21.02 5.34
N THR C 11 28.17 -20.94 6.26
CA THR C 11 28.15 -21.76 7.48
C THR C 11 28.62 -21.02 8.73
N GLU C 12 29.61 -20.15 8.54
CA GLU C 12 30.27 -19.50 9.66
C GLU C 12 29.44 -18.31 10.15
N SER C 13 29.76 -17.82 11.35
CA SER C 13 29.08 -16.67 11.94
C SER C 13 29.87 -15.39 11.66
N GLY C 14 29.19 -14.25 11.68
CA GLY C 14 29.81 -12.98 11.37
C GLY C 14 29.72 -12.71 9.89
N VAL C 15 28.91 -13.53 9.23
CA VAL C 15 28.72 -13.44 7.79
C VAL C 15 27.38 -12.78 7.52
N TYR C 16 27.45 -11.59 6.96
CA TYR C 16 26.25 -10.87 6.56
C TYR C 16 25.69 -11.56 5.32
N GLY C 17 24.36 -11.65 5.26
CA GLY C 17 23.68 -12.23 4.13
C GLY C 17 22.68 -11.23 3.63
N THR C 18 22.56 -11.13 2.32
CA THR C 18 21.64 -10.17 1.73
C THR C 18 20.82 -10.89 0.67
N PHE C 19 19.57 -10.44 0.57
CA PHE C 19 18.58 -11.00 -0.36
C PHE C 19 18.04 -9.85 -1.17
N ALA C 20 18.26 -9.94 -2.49
CA ALA C 20 17.91 -8.86 -3.39
C ALA C 20 17.02 -9.35 -4.51
N THR C 21 15.83 -8.78 -4.64
CA THR C 21 14.92 -9.14 -5.73
C THR C 21 14.79 -8.06 -6.77
N PHE C 22 14.60 -8.49 -8.02
CA PHE C 22 14.42 -7.59 -9.15
C PHE C 22 13.37 -8.05 -10.15
N GLN C 23 12.68 -7.07 -10.70
CA GLN C 23 11.71 -7.26 -11.76
C GLN C 23 12.17 -6.49 -13.00
N MET C 24 12.10 -7.13 -14.16
CA MET C 24 12.56 -6.53 -15.41
C MET C 24 11.51 -5.61 -16.05
N ASP C 25 11.95 -4.39 -16.38
CA ASP C 25 11.15 -3.42 -17.11
C ASP C 25 10.72 -3.99 -18.42
N HIS C 26 9.67 -3.42 -19.00
CA HIS C 26 9.22 -3.81 -20.34
C HIS C 26 10.12 -3.24 -21.45
N ASP C 27 10.56 -2.00 -21.28
CA ASP C 27 11.36 -1.31 -22.30
C ASP C 27 12.60 -2.11 -22.67
N TRP C 28 12.98 -3.05 -21.82
CA TRP C 28 14.11 -3.94 -22.08
C TRP C 28 13.88 -4.72 -23.36
N TRP C 29 12.62 -5.03 -23.61
CA TRP C 29 12.23 -5.81 -24.77
C TRP C 29 12.13 -4.92 -26.00
N ASP C 30 12.00 -3.62 -25.75
CA ASP C 30 12.04 -2.62 -26.81
C ASP C 30 13.49 -2.41 -27.23
N LEU C 31 14.42 -3.02 -26.50
CA LEU C 31 15.82 -2.97 -26.90
C LEU C 31 16.10 -4.08 -27.91
N PRO C 32 17.09 -3.84 -28.81
CA PRO C 32 17.59 -4.85 -29.74
C PRO C 32 18.31 -6.01 -29.08
N GLY C 33 18.21 -7.18 -29.71
CA GLY C 33 18.86 -8.39 -29.25
C GLY C 33 20.35 -8.17 -29.05
N GLU C 34 20.91 -7.24 -29.82
CA GLU C 34 22.33 -6.93 -29.73
C GLU C 34 22.68 -6.24 -28.41
N SER C 35 21.83 -5.32 -28.00
CA SER C 35 22.07 -4.56 -26.78
C SER C 35 21.99 -5.46 -25.55
N ARG C 36 21.03 -6.38 -25.59
CA ARG C 36 20.70 -7.25 -24.47
C ARG C 36 21.78 -8.30 -24.26
N VAL C 37 22.28 -8.89 -25.33
CA VAL C 37 23.34 -9.87 -25.21
C VAL C 37 24.59 -9.16 -24.67
N ILE C 38 24.75 -7.89 -25.06
CA ILE C 38 25.87 -7.09 -24.58
C ILE C 38 25.68 -6.80 -23.11
N SER C 39 24.45 -6.39 -22.77
CA SER C 39 24.10 -6.06 -21.41
C SER C 39 24.27 -7.25 -20.48
N VAL C 40 23.79 -8.42 -20.90
CA VAL C 40 23.95 -9.63 -20.12
C VAL C 40 25.40 -9.92 -19.80
N ALA C 41 26.23 -9.83 -20.84
CA ALA C 41 27.63 -10.18 -20.74
C ALA C 41 28.31 -9.27 -19.73
N GLU C 42 27.83 -8.03 -19.65
CA GLU C 42 28.34 -7.05 -18.70
C GLU C 42 28.16 -7.60 -17.30
N VAL C 43 26.93 -8.00 -17.01
CA VAL C 43 26.58 -8.51 -15.69
C VAL C 43 27.43 -9.72 -15.39
N LYS C 44 27.45 -10.68 -16.30
CA LYS C 44 28.22 -11.89 -16.06
C LYS C 44 29.66 -11.56 -15.68
N GLY C 45 30.19 -10.50 -16.27
CA GLY C 45 31.57 -10.15 -16.04
C GLY C 45 31.75 -9.43 -14.72
N LEU C 46 30.81 -8.55 -14.39
CA LEU C 46 30.84 -7.86 -13.10
C LEU C 46 30.89 -8.81 -11.92
N VAL C 47 30.05 -9.84 -11.99
CA VAL C 47 29.90 -10.85 -10.95
C VAL C 47 31.19 -11.62 -10.76
N GLU C 48 31.77 -12.02 -11.89
CA GLU C 48 33.02 -12.78 -11.88
C GLU C 48 34.15 -11.95 -11.22
N GLN C 49 34.08 -10.63 -11.28
CA GLN C 49 35.07 -9.76 -10.62
C GLN C 49 35.00 -9.86 -9.09
N TRP C 50 33.78 -9.89 -8.56
CA TRP C 50 33.56 -9.92 -7.12
C TRP C 50 33.65 -11.34 -6.56
N SER C 51 33.79 -12.31 -7.44
CA SER C 51 33.82 -13.73 -7.08
C SER C 51 34.81 -14.09 -5.96
N GLY C 52 35.78 -13.21 -5.71
CA GLY C 52 36.78 -13.48 -4.70
C GLY C 52 36.34 -12.99 -3.35
N LYS C 53 35.80 -11.77 -3.33
CA LYS C 53 35.43 -11.11 -2.08
C LYS C 53 34.16 -11.67 -1.47
N ILE C 54 33.17 -11.88 -2.31
CA ILE C 54 31.85 -12.27 -1.85
C ILE C 54 31.36 -13.50 -2.57
N LEU C 55 30.30 -14.08 -2.02
CA LEU C 55 29.62 -15.17 -2.69
C LEU C 55 28.27 -14.67 -3.18
N VAL C 56 27.90 -15.13 -4.36
CA VAL C 56 26.65 -14.71 -4.97
C VAL C 56 26.02 -15.92 -5.62
N GLU C 57 24.77 -16.16 -5.22
CA GLU C 57 23.94 -17.19 -5.80
C GLU C 57 22.72 -16.51 -6.41
N SER C 58 22.17 -17.14 -7.45
CA SER C 58 21.10 -16.54 -8.25
C SER C 58 19.89 -17.45 -8.32
N TYR C 59 18.71 -16.85 -8.42
CA TYR C 59 17.44 -17.59 -8.40
C TYR C 59 16.46 -16.99 -9.40
N LEU C 60 15.76 -17.88 -10.08
CA LEU C 60 14.72 -17.47 -11.00
C LEU C 60 13.38 -17.41 -10.27
N LEU C 61 12.85 -16.20 -10.13
CA LEU C 61 11.56 -15.97 -9.48
C LEU C 61 10.45 -15.77 -10.50
N ARG C 62 10.84 -15.56 -11.74
CA ARG C 62 9.90 -15.37 -12.83
C ARG C 62 9.03 -16.63 -12.88
N GLY C 63 7.73 -16.42 -12.79
CA GLY C 63 6.77 -17.51 -12.88
C GLY C 63 6.45 -18.20 -11.57
N LEU C 64 7.06 -17.77 -10.46
CA LEU C 64 6.77 -18.38 -9.17
C LEU C 64 6.44 -17.37 -8.07
N SER C 65 7.06 -16.19 -8.17
CA SER C 65 6.88 -15.11 -7.22
C SER C 65 6.40 -13.89 -7.97
N ASP C 66 5.29 -13.31 -7.55
CA ASP C 66 4.75 -12.15 -8.22
C ASP C 66 5.70 -10.94 -8.09
N HIS C 67 5.79 -10.18 -9.18
CA HIS C 67 6.62 -8.96 -9.30
C HIS C 67 8.12 -9.21 -9.03
N ALA C 68 8.59 -10.36 -9.51
CA ALA C 68 9.99 -10.75 -9.34
C ALA C 68 10.43 -11.75 -10.42
N ASP C 69 11.64 -11.55 -10.94
CA ASP C 69 12.18 -12.41 -11.97
C ASP C 69 13.45 -13.07 -11.45
N LEU C 70 14.26 -12.27 -10.78
CA LEU C 70 15.59 -12.70 -10.38
C LEU C 70 15.81 -12.42 -8.92
N MET C 71 16.59 -13.28 -8.26
CA MET C 71 17.00 -13.02 -6.89
C MET C 71 18.46 -13.38 -6.70
N PHE C 72 19.19 -12.51 -5.99
CA PHE C 72 20.54 -12.80 -5.52
C PHE C 72 20.53 -13.08 -4.01
N ARG C 73 21.20 -14.16 -3.62
CA ARG C 73 21.55 -14.35 -2.22
C ARG C 73 23.05 -14.15 -2.09
N VAL C 74 23.41 -13.04 -1.46
CA VAL C 74 24.80 -12.67 -1.36
C VAL C 74 25.26 -12.77 0.06
N HIS C 75 26.30 -13.56 0.24
CA HIS C 75 27.01 -13.64 1.50
C HIS C 75 28.29 -12.80 1.42
N ALA C 76 28.52 -12.02 2.47
CA ALA C 76 29.73 -11.21 2.59
C ALA C 76 30.13 -11.05 4.06
N ARG C 77 31.35 -10.58 4.30
CA ARG C 77 31.84 -10.42 5.65
C ARG C 77 31.73 -8.97 6.09
N THR C 78 31.31 -8.13 5.14
CA THR C 78 30.92 -6.78 5.45
C THR C 78 29.85 -6.36 4.47
N LEU C 79 28.88 -5.59 4.94
CA LEU C 79 27.75 -5.21 4.10
C LEU C 79 28.20 -4.18 3.09
N SER C 80 29.33 -3.54 3.35
CA SER C 80 29.85 -2.52 2.45
C SER C 80 30.13 -3.11 1.07
N ASP C 81 30.86 -4.22 1.06
CA ASP C 81 31.21 -4.90 -0.17
C ASP C 81 29.94 -5.31 -0.91
N THR C 82 28.95 -5.74 -0.14
CA THR C 82 27.68 -6.18 -0.71
C THR C 82 27.01 -4.97 -1.32
N GLN C 83 27.14 -3.83 -0.66
CA GLN C 83 26.54 -2.62 -1.16
C GLN C 83 27.16 -2.28 -2.51
N GLN C 84 28.48 -2.28 -2.54
CA GLN C 84 29.21 -1.87 -3.73
C GLN C 84 28.80 -2.71 -4.91
N PHE C 85 28.80 -4.02 -4.69
CA PHE C 85 28.45 -4.95 -5.73
C PHE C 85 27.05 -4.68 -6.26
N LEU C 86 26.14 -4.35 -5.36
CA LEU C 86 24.74 -4.25 -5.75
C LEU C 86 24.49 -2.94 -6.48
N SER C 87 25.22 -1.90 -6.08
CA SER C 87 25.08 -0.59 -6.69
C SER C 87 25.70 -0.64 -8.09
N ALA C 88 26.78 -1.42 -8.22
CA ALA C 88 27.41 -1.68 -9.52
C ALA C 88 26.46 -2.40 -10.43
N PHE C 89 25.92 -3.51 -9.93
CA PHE C 89 24.99 -4.34 -10.69
C PHE C 89 23.81 -3.52 -11.19
N MET C 90 23.30 -2.63 -10.35
CA MET C 90 22.12 -1.89 -10.75
C MET C 90 22.51 -0.78 -11.72
N GLY C 91 23.81 -0.55 -11.83
CA GLY C 91 24.38 0.45 -12.74
C GLY C 91 24.56 -0.04 -14.17
N THR C 92 24.69 -1.35 -14.34
CA THR C 92 24.85 -1.96 -15.65
C THR C 92 23.66 -1.66 -16.56
N ARG C 93 23.88 -1.80 -17.86
CA ARG C 93 22.84 -1.57 -18.87
C ARG C 93 21.64 -2.45 -18.58
N LEU C 94 21.90 -3.67 -18.13
CA LEU C 94 20.83 -4.58 -17.71
C LEU C 94 20.11 -4.05 -16.46
N GLY C 95 20.91 -3.70 -15.46
CA GLY C 95 20.45 -3.19 -14.18
C GLY C 95 19.59 -1.94 -14.34
N ARG C 96 19.89 -1.11 -15.35
CA ARG C 96 19.12 0.09 -15.61
C ARG C 96 17.65 -0.25 -15.84
N HIS C 97 17.39 -1.49 -16.28
CA HIS C 97 16.05 -1.95 -16.62
C HIS C 97 15.45 -2.88 -15.58
N LEU C 98 16.00 -2.82 -14.37
CA LEU C 98 15.48 -3.59 -13.24
C LEU C 98 14.87 -2.64 -12.24
N THR C 99 13.64 -2.94 -11.84
CA THR C 99 13.06 -2.30 -10.68
C THR C 99 13.47 -3.11 -9.47
N SER C 100 14.03 -2.42 -8.49
CA SER C 100 14.40 -3.03 -7.23
C SER C 100 13.13 -3.50 -6.53
N GLY C 101 13.00 -4.81 -6.34
CA GLY C 101 11.81 -5.35 -5.73
C GLY C 101 11.91 -5.17 -4.22
N GLY C 102 12.92 -5.81 -3.65
CA GLY C 102 13.12 -5.77 -2.22
C GLY C 102 14.55 -6.03 -1.79
N LEU C 103 14.82 -5.79 -0.52
CA LEU C 103 16.16 -5.91 0.03
C LEU C 103 16.13 -6.26 1.52
N LEU C 104 16.83 -7.34 1.87
CA LEU C 104 16.86 -7.82 3.26
C LEU C 104 18.26 -8.24 3.65
N HIS C 105 18.75 -7.70 4.76
CA HIS C 105 20.04 -8.09 5.29
C HIS C 105 19.87 -8.81 6.62
N GLY C 106 20.77 -9.74 6.88
CA GLY C 106 20.78 -10.46 8.14
C GLY C 106 22.13 -11.11 8.32
N VAL C 107 22.56 -11.17 9.58
CA VAL C 107 23.82 -11.80 9.93
C VAL C 107 23.58 -13.19 10.49
N SER C 108 24.53 -14.08 10.28
CA SER C 108 24.45 -15.45 10.78
C SER C 108 25.12 -15.51 12.15
N LYS C 109 24.47 -16.15 13.12
CA LYS C 109 24.99 -16.21 14.48
C LYS C 109 25.05 -17.66 14.94
N LYS C 110 25.73 -17.93 16.05
CA LYS C 110 25.55 -19.19 16.75
C LYS C 110 24.20 -19.20 17.50
N PRO C 111 23.50 -20.36 17.51
CA PRO C 111 22.15 -20.41 18.10
C PRO C 111 22.05 -20.05 19.57
N THR C 112 20.94 -19.39 19.88
CA THR C 112 20.66 -18.86 21.21
C THR C 112 20.03 -19.88 22.15
N TYR C 113 19.04 -20.62 21.65
CA TYR C 113 18.21 -21.47 22.50
C TYR C 113 18.63 -22.94 22.44
N VAL C 114 19.47 -23.28 21.46
CA VAL C 114 19.78 -24.68 21.18
C VAL C 114 20.50 -25.41 22.33
N ALA C 115 21.34 -24.71 23.09
CA ALA C 115 22.09 -25.35 24.16
C ALA C 115 21.15 -25.89 25.24
N GLY C 116 20.03 -25.21 25.45
CA GLY C 116 19.05 -25.62 26.44
C GLY C 116 18.08 -26.65 25.91
N PHE C 117 18.49 -27.39 24.88
CA PHE C 117 17.69 -28.46 24.32
C PHE C 117 18.13 -29.81 24.92
N PRO C 118 17.36 -30.90 24.64
CA PRO C 118 17.76 -32.27 24.99
C PRO C 118 19.00 -32.75 24.22
N GLU C 119 19.80 -33.61 24.85
CA GLU C 119 21.01 -34.14 24.22
C GLU C 119 20.68 -34.85 22.90
N SER C 120 19.54 -35.54 22.88
CA SER C 120 19.09 -36.30 21.73
C SER C 120 18.71 -35.37 20.58
N MET C 121 18.23 -34.19 20.93
CA MET C 121 17.75 -33.22 19.96
C MET C 121 18.90 -32.50 19.23
N LYS C 122 19.99 -32.26 19.95
CA LYS C 122 21.18 -31.62 19.37
C LYS C 122 21.79 -32.52 18.32
N THR C 123 21.62 -33.83 18.52
CA THR C 123 22.16 -34.82 17.62
C THR C 123 21.53 -34.67 16.25
N GLU C 124 20.20 -34.58 16.24
CA GLU C 124 19.46 -34.50 14.98
C GLU C 124 19.57 -33.12 14.34
N LEU C 125 20.10 -32.14 15.07
CA LEU C 125 20.22 -30.78 14.54
C LEU C 125 21.50 -30.59 13.73
N GLN C 126 22.55 -31.33 14.10
CA GLN C 126 23.81 -31.24 13.38
C GLN C 126 23.69 -31.82 11.98
N VAL C 127 22.73 -32.73 11.82
CA VAL C 127 22.46 -33.37 10.56
C VAL C 127 21.93 -32.37 9.54
N ASN C 128 22.43 -32.48 8.32
CA ASN C 128 22.06 -31.58 7.23
C ASN C 128 20.70 -31.92 6.62
N GLY C 129 20.27 -31.09 5.68
CA GLY C 129 19.10 -31.39 4.84
C GLY C 129 19.58 -32.31 3.74
N GLU C 130 18.87 -32.36 2.62
CA GLU C 130 19.33 -33.20 1.52
C GLU C 130 20.00 -32.33 0.46
N SER C 131 20.97 -32.92 -0.24
CA SER C 131 21.71 -32.26 -1.32
C SER C 131 21.17 -32.61 -2.70
N GLY C 132 20.67 -31.59 -3.39
CA GLY C 132 20.15 -31.76 -4.73
C GLY C 132 20.49 -30.54 -5.56
N SER C 133 20.56 -30.70 -6.88
CA SER C 133 20.94 -29.61 -7.74
C SER C 133 19.73 -28.91 -8.38
N ARG C 134 19.91 -27.60 -8.50
CA ARG C 134 18.92 -26.67 -9.02
C ARG C 134 17.55 -26.90 -8.33
N PRO C 135 17.54 -26.86 -6.97
CA PRO C 135 16.33 -27.02 -6.15
C PRO C 135 15.49 -25.76 -5.97
N TYR C 136 14.24 -25.98 -5.59
CA TYR C 136 13.40 -24.87 -5.16
C TYR C 136 14.03 -24.19 -3.96
N ALA C 137 13.69 -22.91 -3.79
CA ALA C 137 14.16 -22.14 -2.65
C ALA C 137 13.04 -21.24 -2.17
N ILE C 138 12.93 -21.13 -0.86
CA ILE C 138 11.92 -20.30 -0.24
C ILE C 138 12.61 -19.39 0.76
N VAL C 139 12.15 -18.15 0.80
CA VAL C 139 12.64 -17.16 1.74
C VAL C 139 11.44 -16.57 2.43
N ILE C 140 11.48 -16.60 3.77
CA ILE C 140 10.42 -16.04 4.58
C ILE C 140 11.00 -15.13 5.65
N PRO C 141 10.72 -13.82 5.54
CA PRO C 141 11.13 -12.90 6.60
C PRO C 141 10.12 -12.91 7.75
N ILE C 142 10.57 -12.67 8.98
CA ILE C 142 9.74 -12.82 10.16
C ILE C 142 9.95 -11.69 11.15
N LYS C 143 8.83 -11.12 11.59
CA LYS C 143 8.81 -10.16 12.69
C LYS C 143 8.08 -10.78 13.88
N LYS C 144 8.76 -10.83 15.02
CA LYS C 144 8.15 -11.31 16.25
C LYS C 144 7.40 -10.20 16.93
N ASP C 145 6.29 -10.51 17.59
CA ASP C 145 5.59 -9.47 18.33
C ASP C 145 6.38 -9.12 19.60
N ALA C 146 5.99 -8.03 20.22
CA ALA C 146 6.65 -7.54 21.41
C ALA C 146 6.52 -8.53 22.58
N GLU C 147 5.37 -9.22 22.65
CA GLU C 147 5.15 -10.24 23.67
C GLU C 147 6.29 -11.24 23.68
N TRP C 148 6.80 -11.57 22.50
CA TRP C 148 7.82 -12.58 22.36
C TRP C 148 9.09 -12.16 23.09
N TRP C 149 9.40 -10.86 23.07
CA TRP C 149 10.64 -10.37 23.66
C TRP C 149 10.48 -10.25 25.16
N ALA C 150 9.24 -10.02 25.59
CA ALA C 150 8.93 -9.88 26.99
C ALA C 150 9.14 -11.21 27.69
N LEU C 151 8.89 -12.31 26.98
CA LEU C 151 9.13 -13.63 27.54
C LEU C 151 10.55 -13.78 28.02
N ASP C 152 10.69 -14.62 29.04
CA ASP C 152 11.97 -14.92 29.63
C ASP C 152 12.65 -16.00 28.84
N GLN C 153 13.94 -16.18 29.09
CA GLN C 153 14.74 -17.10 28.32
C GLN C 153 14.17 -18.51 28.35
N GLU C 154 13.86 -18.99 29.55
CA GLU C 154 13.40 -20.36 29.75
C GLU C 154 12.16 -20.61 28.90
N ALA C 155 11.29 -19.60 28.88
CA ALA C 155 10.04 -19.66 28.16
C ALA C 155 10.27 -19.72 26.65
N ARG C 156 11.11 -18.84 26.14
CA ARG C 156 11.41 -18.79 24.70
C ARG C 156 12.07 -20.09 24.26
N THR C 157 12.99 -20.57 25.08
CA THR C 157 13.67 -21.83 24.79
C THR C 157 12.73 -23.02 24.60
N ALA C 158 11.72 -23.12 25.45
CA ALA C 158 10.79 -24.25 25.40
C ALA C 158 9.93 -24.14 24.17
N LEU C 159 9.53 -22.92 23.86
CA LEU C 159 8.79 -22.66 22.65
C LEU C 159 9.61 -23.07 21.40
N MET C 160 10.89 -22.69 21.35
CA MET C 160 11.75 -23.01 20.20
C MET C 160 12.10 -24.49 20.20
N GLN C 161 12.06 -25.10 21.37
CA GLN C 161 12.27 -26.55 21.45
C GLN C 161 11.11 -27.27 20.76
N GLU C 162 9.89 -26.77 20.96
CA GLU C 162 8.69 -27.32 20.33
C GLU C 162 8.75 -27.12 18.82
N HIS C 163 9.21 -25.94 18.44
CA HIS C 163 9.49 -25.63 17.04
C HIS C 163 10.42 -26.68 16.43
N THR C 164 11.59 -26.85 17.04
CA THR C 164 12.59 -27.80 16.55
C THR C 164 12.04 -29.23 16.44
N GLN C 165 11.37 -29.70 17.50
CA GLN C 165 10.86 -31.07 17.55
C GLN C 165 9.96 -31.37 16.36
N ALA C 166 9.11 -30.41 16.03
CA ALA C 166 8.17 -30.57 14.94
C ALA C 166 8.86 -30.51 13.57
N ALA C 167 10.04 -29.89 13.50
CA ALA C 167 10.69 -29.61 12.22
C ALA C 167 11.80 -30.62 11.86
N LEU C 168 12.47 -31.16 12.86
CA LEU C 168 13.61 -32.05 12.66
C LEU C 168 13.37 -33.18 11.67
N PRO C 169 12.17 -33.80 11.69
CA PRO C 169 12.01 -34.92 10.76
C PRO C 169 11.85 -34.43 9.30
N TYR C 170 11.87 -33.13 9.07
CA TYR C 170 11.76 -32.55 7.73
C TYR C 170 13.14 -32.19 7.20
N LEU C 171 14.15 -32.42 8.01
CA LEU C 171 15.52 -32.31 7.53
C LEU C 171 15.82 -33.44 6.54
N LYS C 172 14.88 -34.36 6.37
CA LYS C 172 15.03 -35.39 5.35
C LYS C 172 15.17 -34.79 3.97
N THR C 173 14.32 -33.82 3.68
CA THR C 173 14.16 -33.31 2.33
C THR C 173 14.32 -31.80 2.28
N VAL C 174 14.85 -31.20 3.34
CA VAL C 174 14.93 -29.75 3.42
C VAL C 174 16.21 -29.24 4.08
N LYS C 175 16.87 -28.34 3.38
CA LYS C 175 18.02 -27.60 3.89
C LYS C 175 17.49 -26.32 4.49
N GLU C 176 18.20 -25.76 5.47
CA GLU C 176 17.73 -24.55 6.13
C GLU C 176 18.90 -23.65 6.51
N LYS C 177 18.59 -22.38 6.63
CA LYS C 177 19.53 -21.42 7.16
C LYS C 177 18.74 -20.26 7.71
N LEU C 178 19.28 -19.60 8.72
CA LEU C 178 18.57 -18.55 9.44
C LEU C 178 19.47 -17.34 9.62
N TYR C 179 18.93 -16.16 9.36
CA TYR C 179 19.71 -14.94 9.50
C TYR C 179 19.04 -13.97 10.43
N HIS C 180 19.85 -13.32 11.26
CA HIS C 180 19.33 -12.39 12.23
C HIS C 180 19.41 -11.00 11.66
N SER C 181 18.23 -10.42 11.47
CA SER C 181 18.03 -9.23 10.68
C SER C 181 17.71 -7.98 11.50
N THR C 182 17.39 -8.14 12.79
CA THR C 182 16.91 -7.02 13.61
C THR C 182 17.84 -5.79 13.54
N GLY C 183 17.26 -4.63 13.27
CA GLY C 183 18.04 -3.41 13.25
C GLY C 183 18.71 -3.10 11.91
N LEU C 184 18.66 -4.04 10.98
CA LEU C 184 19.23 -3.81 9.63
C LEU C 184 18.10 -3.56 8.64
N ASP C 185 16.88 -3.95 9.01
CA ASP C 185 15.68 -3.69 8.22
C ASP C 185 14.47 -3.92 9.12
N ASP C 186 13.28 -3.97 8.53
CA ASP C 186 12.05 -4.07 9.29
C ASP C 186 11.65 -5.50 9.67
N VAL C 187 12.62 -6.40 9.82
CA VAL C 187 12.31 -7.74 10.33
C VAL C 187 13.40 -8.25 11.27
N ASP C 188 13.07 -9.32 11.99
CA ASP C 188 13.92 -9.81 13.05
C ASP C 188 14.72 -10.98 12.54
N PHE C 189 14.08 -11.76 11.68
CA PHE C 189 14.73 -12.93 11.11
C PHE C 189 14.52 -13.08 9.61
N ILE C 190 15.52 -13.66 8.96
CA ILE C 190 15.39 -14.12 7.58
C ILE C 190 15.63 -15.61 7.59
N THR C 191 14.64 -16.32 7.10
CA THR C 191 14.71 -17.77 6.96
C THR C 191 14.80 -18.14 5.49
N TYR C 192 15.61 -19.15 5.23
CA TYR C 192 15.89 -19.58 3.90
C TYR C 192 15.90 -21.10 3.83
N PHE C 193 15.26 -21.65 2.80
CA PHE C 193 15.13 -23.08 2.64
C PHE C 193 15.32 -23.51 1.21
N GLU C 194 15.99 -24.63 1.05
CA GLU C 194 16.16 -25.30 -0.23
C GLU C 194 15.47 -26.65 -0.15
N THR C 195 14.82 -27.07 -1.22
CA THR C 195 14.24 -28.40 -1.26
C THR C 195 13.82 -28.83 -2.65
N GLU C 196 13.87 -30.14 -2.87
CA GLU C 196 13.37 -30.72 -4.10
C GLU C 196 11.90 -31.04 -3.95
N ARG C 197 11.42 -31.11 -2.71
CA ARG C 197 10.05 -31.53 -2.47
C ARG C 197 9.24 -30.47 -1.74
N LEU C 198 8.31 -29.86 -2.47
CA LEU C 198 7.56 -28.72 -1.93
C LEU C 198 6.36 -29.16 -1.12
N GLU C 199 5.92 -30.38 -1.34
CA GLU C 199 4.82 -30.88 -0.54
C GLU C 199 5.33 -31.05 0.89
N ASP C 200 6.57 -31.51 1.03
CA ASP C 200 7.19 -31.64 2.35
C ASP C 200 7.30 -30.30 3.05
N PHE C 201 7.77 -29.33 2.29
CA PHE C 201 7.99 -28.00 2.81
C PHE C 201 6.67 -27.40 3.23
N HIS C 202 5.63 -27.79 2.49
CA HIS C 202 4.30 -27.31 2.78
C HIS C 202 3.91 -27.85 4.15
N ASN C 203 4.00 -29.17 4.26
CA ASN C 203 3.71 -29.86 5.51
C ASN C 203 4.59 -29.34 6.63
N LEU C 204 5.85 -29.05 6.32
CA LEU C 204 6.75 -28.54 7.34
C LEU C 204 6.18 -27.25 7.92
N VAL C 205 5.57 -26.42 7.08
CA VAL C 205 5.14 -25.13 7.57
C VAL C 205 3.84 -25.27 8.36
N ARG C 206 2.97 -26.20 7.95
CA ARG C 206 1.74 -26.46 8.71
C ARG C 206 2.04 -26.87 10.14
N ALA C 207 2.93 -27.85 10.27
CA ALA C 207 3.36 -28.33 11.58
C ALA C 207 3.74 -27.18 12.48
N LEU C 208 4.50 -26.24 11.93
CA LEU C 208 4.96 -25.11 12.72
C LEU C 208 3.86 -24.06 12.90
N GLN C 209 2.79 -24.13 12.12
CA GLN C 209 1.70 -23.19 12.37
C GLN C 209 1.00 -23.64 13.65
N GLN C 210 1.25 -24.88 14.06
CA GLN C 210 0.54 -25.52 15.15
C GLN C 210 1.26 -25.45 16.50
N VAL C 211 2.55 -25.10 16.48
CA VAL C 211 3.26 -24.89 17.75
C VAL C 211 2.82 -23.57 18.39
N LYS C 212 3.26 -23.33 19.61
CA LYS C 212 2.77 -22.20 20.40
C LYS C 212 3.37 -20.93 19.85
N GLU C 213 4.62 -21.03 19.39
CA GLU C 213 5.34 -19.90 18.82
C GLU C 213 4.56 -19.18 17.72
N PHE C 214 3.93 -19.92 16.82
CA PHE C 214 3.43 -19.31 15.59
C PHE C 214 2.58 -18.07 15.82
N ARG C 215 1.86 -18.04 16.93
CA ARG C 215 0.99 -16.92 17.26
C ARG C 215 1.75 -15.63 17.44
N HIS C 216 3.06 -15.75 17.68
CA HIS C 216 3.91 -14.57 17.92
C HIS C 216 4.55 -13.97 16.67
N ASN C 217 4.35 -14.61 15.52
CA ASN C 217 4.90 -14.10 14.27
C ASN C 217 3.95 -13.07 13.71
N ARG C 218 4.19 -11.81 14.04
CA ARG C 218 3.30 -10.72 13.68
C ARG C 218 3.28 -10.55 12.17
N ARG C 219 4.47 -10.72 11.58
CA ARG C 219 4.64 -10.74 10.15
C ARG C 219 5.18 -12.10 9.79
N PHE C 220 4.48 -12.78 8.87
CA PHE C 220 4.83 -14.13 8.41
C PHE C 220 4.80 -14.21 6.88
N GLY C 221 5.98 -14.13 6.28
CA GLY C 221 6.07 -13.96 4.83
C GLY C 221 5.98 -12.49 4.48
N HIS C 222 5.09 -12.16 3.53
CA HIS C 222 4.92 -10.78 3.09
C HIS C 222 6.26 -10.12 2.86
N PRO C 223 6.93 -10.52 1.79
CA PRO C 223 6.47 -11.52 0.82
C PRO C 223 7.01 -12.90 1.14
N THR C 224 6.33 -13.96 0.68
CA THR C 224 6.92 -15.28 0.69
C THR C 224 7.54 -15.48 -0.69
N LEU C 225 8.88 -15.46 -0.75
CA LEU C 225 9.60 -15.57 -2.01
C LEU C 225 9.88 -17.03 -2.37
N LEU C 226 9.19 -17.49 -3.41
CA LEU C 226 9.42 -18.81 -3.98
C LEU C 226 10.21 -18.70 -5.30
N GLY C 227 11.29 -19.46 -5.38
CA GLY C 227 12.08 -19.47 -6.60
C GLY C 227 12.80 -20.77 -6.81
N THR C 228 13.57 -20.83 -7.87
CA THR C 228 14.36 -22.01 -8.15
C THR C 228 15.80 -21.58 -8.38
N MET C 229 16.70 -22.35 -7.78
CA MET C 229 18.12 -22.09 -7.82
C MET C 229 18.65 -22.38 -9.22
N SER C 230 19.48 -21.48 -9.72
CA SER C 230 19.98 -21.61 -11.08
C SER C 230 21.25 -20.79 -11.26
N PRO C 231 22.09 -21.18 -12.22
CA PRO C 231 23.23 -20.31 -12.57
C PRO C 231 22.75 -19.07 -13.29
N LEU C 232 23.41 -17.95 -13.00
CA LEU C 232 22.96 -16.66 -13.49
C LEU C 232 22.85 -16.61 -15.03
N ASP C 233 23.78 -17.24 -15.73
CA ASP C 233 23.79 -17.25 -17.20
C ASP C 233 22.47 -17.80 -17.76
N GLU C 234 22.06 -18.97 -17.26
CA GLU C 234 20.79 -19.60 -17.65
C GLU C 234 19.62 -18.65 -17.46
N ILE C 235 19.72 -17.82 -16.43
CA ILE C 235 18.63 -16.92 -16.09
C ILE C 235 18.59 -15.77 -17.06
N LEU C 236 19.74 -15.13 -17.24
CA LEU C 236 19.89 -14.01 -18.16
C LEU C 236 19.70 -14.44 -19.62
N GLU C 237 20.16 -15.64 -19.93
CA GLU C 237 20.03 -16.21 -21.28
C GLU C 237 18.61 -16.13 -21.82
N LYS C 238 17.64 -16.20 -20.92
CA LYS C 238 16.24 -16.10 -21.27
C LYS C 238 15.90 -14.69 -21.75
N PHE C 239 16.67 -13.72 -21.25
CA PHE C 239 16.39 -12.29 -21.47
C PHE C 239 17.16 -11.70 -22.63
N ALA C 240 17.67 -12.57 -23.48
CA ALA C 240 18.47 -12.15 -24.61
C ALA C 240 17.70 -12.56 -25.86
N GLN C 241 16.99 -13.67 -25.74
CA GLN C 241 16.21 -14.19 -26.84
C GLN C 241 14.90 -13.43 -26.98
N ALA D 4 -13.13 41.46 3.04
CA ALA D 4 -14.64 41.39 3.00
C ALA D 4 -15.11 39.97 2.66
N ASP D 5 -15.10 39.62 1.37
CA ASP D 5 -15.41 38.27 0.91
C ASP D 5 -14.27 37.33 1.31
N ARG D 6 -13.06 37.89 1.35
CA ARG D 6 -11.85 37.21 1.80
C ARG D 6 -12.09 36.44 3.10
N GLU D 7 -12.56 37.19 4.10
CA GLU D 7 -12.84 36.65 5.43
C GLU D 7 -14.18 35.94 5.49
N LYS D 8 -14.96 36.05 4.42
CA LYS D 8 -16.32 35.52 4.41
C LYS D 8 -16.32 34.05 4.01
N LEU D 9 -15.19 33.57 3.50
CA LEU D 9 -15.00 32.18 3.15
C LEU D 9 -14.11 31.48 4.18
N LEU D 10 -13.18 32.23 4.73
CA LEU D 10 -12.19 31.70 5.67
C LEU D 10 -12.71 31.53 7.11
N THR D 11 -13.97 31.90 7.33
CA THR D 11 -14.50 32.05 8.69
C THR D 11 -15.95 31.56 8.81
N GLU D 12 -16.74 31.84 7.78
CA GLU D 12 -18.17 31.57 7.85
C GLU D 12 -18.44 30.09 7.61
N SER D 13 -19.64 29.64 7.97
CA SER D 13 -20.06 28.25 7.79
C SER D 13 -20.88 28.06 6.51
N GLY D 14 -20.92 26.81 6.03
CA GLY D 14 -21.59 26.47 4.79
C GLY D 14 -20.58 26.58 3.67
N VAL D 15 -19.31 26.70 4.05
CA VAL D 15 -18.22 26.86 3.11
C VAL D 15 -17.41 25.57 2.96
N TYR D 16 -17.46 24.98 1.77
CA TYR D 16 -16.66 23.79 1.47
C TYR D 16 -15.20 24.20 1.29
N GLY D 17 -14.30 23.40 1.85
CA GLY D 17 -12.88 23.64 1.74
C GLY D 17 -12.27 22.38 1.17
N THR D 18 -11.29 22.54 0.29
CA THR D 18 -10.68 21.41 -0.38
C THR D 18 -9.18 21.48 -0.25
N PHE D 19 -8.52 20.34 -0.13
CA PHE D 19 -7.07 20.29 -0.04
C PHE D 19 -6.53 19.35 -1.11
N ALA D 20 -5.81 19.93 -2.07
CA ALA D 20 -5.40 19.22 -3.27
C ALA D 20 -3.91 19.24 -3.48
N THR D 21 -3.32 18.06 -3.52
CA THR D 21 -1.88 17.91 -3.68
C THR D 21 -1.50 17.44 -5.05
N PHE D 22 -0.36 17.95 -5.51
CA PHE D 22 0.20 17.62 -6.82
C PHE D 22 1.72 17.47 -6.78
N GLN D 23 2.21 16.55 -7.58
CA GLN D 23 3.63 16.36 -7.79
C GLN D 23 3.97 16.56 -9.28
N MET D 24 5.07 17.28 -9.56
CA MET D 24 5.49 17.54 -10.93
C MET D 24 6.26 16.37 -11.52
N ASP D 25 5.80 15.92 -12.70
CA ASP D 25 6.44 14.85 -13.48
C ASP D 25 7.84 15.27 -13.90
N HIS D 26 8.71 14.28 -14.11
CA HIS D 26 10.08 14.51 -14.55
C HIS D 26 10.20 14.94 -16.02
N ASP D 27 9.39 14.34 -16.90
CA ASP D 27 9.45 14.60 -18.35
C ASP D 27 9.30 16.11 -18.64
N TRP D 28 8.78 16.82 -17.65
CA TRP D 28 8.59 18.26 -17.67
C TRP D 28 9.87 19.07 -17.93
N TRP D 29 11.01 18.55 -17.48
CA TRP D 29 12.27 19.29 -17.64
C TRP D 29 12.86 19.04 -19.01
N ASP D 30 12.39 17.99 -19.67
CA ASP D 30 12.79 17.74 -21.04
C ASP D 30 12.04 18.73 -21.95
N LEU D 31 11.14 19.53 -21.37
CA LEU D 31 10.44 20.54 -22.14
C LEU D 31 11.30 21.81 -22.28
N PRO D 32 11.10 22.56 -23.37
CA PRO D 32 11.77 23.86 -23.52
C PRO D 32 11.28 24.90 -22.50
N GLY D 33 12.19 25.75 -22.02
CA GLY D 33 11.83 26.80 -21.07
C GLY D 33 10.73 27.69 -21.63
N GLU D 34 10.74 27.87 -22.96
CA GLU D 34 9.76 28.71 -23.63
C GLU D 34 8.39 28.08 -23.49
N SER D 35 8.38 26.76 -23.59
CA SER D 35 7.14 26.02 -23.47
C SER D 35 6.61 26.15 -22.05
N ARG D 36 7.52 26.13 -21.07
CA ARG D 36 7.13 26.09 -19.67
C ARG D 36 6.51 27.40 -19.23
N VAL D 37 7.17 28.49 -19.60
CA VAL D 37 6.73 29.81 -19.17
C VAL D 37 5.34 30.13 -19.71
N ILE D 38 5.07 29.61 -20.90
CA ILE D 38 3.77 29.79 -21.53
C ILE D 38 2.78 28.96 -20.72
N SER D 39 3.20 27.76 -20.35
CA SER D 39 2.37 26.84 -19.56
C SER D 39 2.02 27.46 -18.22
N VAL D 40 3.02 28.07 -17.60
CA VAL D 40 2.86 28.77 -16.32
C VAL D 40 1.79 29.85 -16.44
N ALA D 41 1.90 30.66 -17.49
CA ALA D 41 1.01 31.81 -17.66
C ALA D 41 -0.44 31.34 -17.83
N GLU D 42 -0.60 30.15 -18.42
CA GLU D 42 -1.92 29.53 -18.60
C GLU D 42 -2.58 29.34 -17.24
N VAL D 43 -1.82 28.77 -16.32
CA VAL D 43 -2.30 28.51 -14.96
C VAL D 43 -2.70 29.81 -14.29
N LYS D 44 -1.78 30.77 -14.33
CA LYS D 44 -1.94 32.05 -13.67
C LYS D 44 -3.24 32.76 -14.03
N GLY D 45 -3.63 32.63 -15.30
CA GLY D 45 -4.80 33.33 -15.80
C GLY D 45 -6.06 32.61 -15.39
N LEU D 46 -6.01 31.28 -15.46
CA LEU D 46 -7.13 30.44 -15.07
C LEU D 46 -7.58 30.79 -13.66
N VAL D 47 -6.62 31.04 -12.78
CA VAL D 47 -6.92 31.38 -11.39
C VAL D 47 -7.66 32.71 -11.32
N GLU D 48 -7.16 33.70 -12.06
CA GLU D 48 -7.77 35.02 -12.10
C GLU D 48 -9.20 34.94 -12.61
N GLN D 49 -9.46 33.96 -13.46
CA GLN D 49 -10.80 33.73 -13.99
C GLN D 49 -11.75 33.24 -12.89
N TRP D 50 -11.27 32.33 -12.04
CA TRP D 50 -12.13 31.75 -11.01
C TRP D 50 -12.27 32.59 -9.75
N SER D 51 -11.47 33.65 -9.68
CA SER D 51 -11.56 34.58 -8.56
C SER D 51 -13.00 35.11 -8.47
N GLY D 52 -13.35 35.64 -7.30
CA GLY D 52 -14.70 36.10 -7.07
C GLY D 52 -15.63 34.95 -6.74
N LYS D 53 -15.52 33.86 -7.50
CA LYS D 53 -16.36 32.69 -7.25
C LYS D 53 -15.77 31.86 -6.14
N ILE D 54 -14.45 31.62 -6.20
CA ILE D 54 -13.75 30.81 -5.20
C ILE D 54 -12.48 31.47 -4.69
N LEU D 55 -11.98 30.96 -3.56
CA LEU D 55 -10.68 31.36 -3.05
C LEU D 55 -9.70 30.20 -3.16
N VAL D 56 -8.46 30.52 -3.54
CA VAL D 56 -7.45 29.50 -3.77
C VAL D 56 -6.15 30.01 -3.17
N GLU D 57 -5.57 29.20 -2.29
CA GLU D 57 -4.27 29.51 -1.71
C GLU D 57 -3.32 28.40 -2.04
N SER D 58 -2.04 28.73 -2.08
CA SER D 58 -1.03 27.81 -2.56
C SER D 58 0.06 27.65 -1.51
N TYR D 59 0.66 26.47 -1.52
CA TYR D 59 1.64 26.07 -0.52
C TYR D 59 2.74 25.34 -1.24
N LEU D 60 3.97 25.64 -0.87
CA LEU D 60 5.09 24.93 -1.46
C LEU D 60 5.39 23.75 -0.59
N LEU D 61 5.09 22.55 -1.06
CA LEU D 61 5.30 21.36 -0.23
C LEU D 61 6.62 20.72 -0.58
N ARG D 62 7.19 21.18 -1.70
CA ARG D 62 8.44 20.67 -2.20
C ARG D 62 9.52 20.86 -1.17
N GLY D 63 10.17 19.77 -0.78
CA GLY D 63 11.26 19.85 0.19
C GLY D 63 10.77 19.78 1.64
N LEU D 64 9.46 19.66 1.85
CA LEU D 64 8.91 19.55 3.20
C LEU D 64 8.00 18.33 3.37
N SER D 65 7.29 17.97 2.29
CA SER D 65 6.41 16.80 2.27
C SER D 65 6.83 15.86 1.13
N ASP D 66 7.05 14.59 1.44
CA ASP D 66 7.46 13.61 0.44
C ASP D 66 6.35 13.41 -0.60
N HIS D 67 6.79 13.19 -1.85
CA HIS D 67 5.94 12.94 -3.03
C HIS D 67 4.92 14.06 -3.23
N ALA D 68 5.38 15.28 -2.97
CA ALA D 68 4.56 16.47 -3.07
C ALA D 68 5.45 17.70 -3.31
N ASP D 69 4.95 18.59 -4.16
CA ASP D 69 5.62 19.82 -4.51
C ASP D 69 4.70 20.99 -4.19
N LEU D 70 3.44 20.79 -4.49
CA LEU D 70 2.44 21.86 -4.48
C LEU D 70 1.14 21.44 -3.79
N MET D 71 0.50 22.38 -3.11
CA MET D 71 -0.83 22.14 -2.56
C MET D 71 -1.71 23.38 -2.73
N PHE D 72 -2.96 23.14 -3.11
CA PHE D 72 -3.99 24.16 -3.12
C PHE D 72 -4.95 23.96 -1.96
N ARG D 73 -5.31 25.06 -1.32
CA ARG D 73 -6.44 25.07 -0.42
C ARG D 73 -7.53 25.87 -1.10
N VAL D 74 -8.63 25.22 -1.43
CA VAL D 74 -9.71 25.90 -2.13
C VAL D 74 -10.93 25.98 -1.24
N HIS D 75 -11.40 27.22 -1.03
CA HIS D 75 -12.69 27.44 -0.39
C HIS D 75 -13.78 27.82 -1.40
N ALA D 76 -14.91 27.14 -1.31
CA ALA D 76 -16.09 27.43 -2.12
C ALA D 76 -17.36 27.05 -1.39
N ARG D 77 -18.51 27.51 -1.90
CA ARG D 77 -19.82 27.21 -1.31
C ARG D 77 -20.53 26.11 -2.09
N THR D 78 -19.85 25.58 -3.11
CA THR D 78 -20.29 24.35 -3.74
C THR D 78 -19.05 23.61 -4.20
N LEU D 79 -19.07 22.28 -4.07
CA LEU D 79 -17.91 21.50 -4.45
C LEU D 79 -17.80 21.43 -5.98
N SER D 80 -18.90 21.68 -6.67
CA SER D 80 -18.91 21.62 -8.12
C SER D 80 -17.96 22.66 -8.70
N ASP D 81 -18.07 23.87 -8.19
CA ASP D 81 -17.26 24.99 -8.62
C ASP D 81 -15.80 24.63 -8.39
N THR D 82 -15.55 23.93 -7.30
CA THR D 82 -14.19 23.50 -6.98
C THR D 82 -13.71 22.43 -7.95
N GLN D 83 -14.63 21.53 -8.30
CA GLN D 83 -14.30 20.45 -9.21
C GLN D 83 -13.92 21.03 -10.55
N GLN D 84 -14.76 21.96 -11.00
CA GLN D 84 -14.60 22.60 -12.28
C GLN D 84 -13.25 23.29 -12.36
N PHE D 85 -12.92 24.05 -11.32
CA PHE D 85 -11.65 24.74 -11.27
C PHE D 85 -10.49 23.76 -11.33
N LEU D 86 -10.65 22.64 -10.64
CA LEU D 86 -9.57 21.66 -10.50
C LEU D 86 -9.34 20.79 -11.72
N SER D 87 -10.40 20.50 -12.47
CA SER D 87 -10.26 19.69 -13.65
C SER D 87 -9.58 20.53 -14.72
N ALA D 88 -9.94 21.81 -14.73
CA ALA D 88 -9.32 22.77 -15.63
C ALA D 88 -7.83 22.85 -15.36
N PHE D 89 -7.50 23.09 -14.09
CA PHE D 89 -6.11 23.21 -13.67
C PHE D 89 -5.28 21.98 -14.10
N MET D 90 -5.86 20.79 -13.97
CA MET D 90 -5.14 19.56 -14.32
C MET D 90 -5.10 19.34 -15.82
N GLY D 91 -5.93 20.11 -16.53
CA GLY D 91 -5.99 20.08 -17.99
C GLY D 91 -4.95 20.97 -18.64
N THR D 92 -4.52 21.99 -17.92
CA THR D 92 -3.52 22.93 -18.42
C THR D 92 -2.24 22.23 -18.80
N ARG D 93 -1.43 22.88 -19.65
CA ARG D 93 -0.20 22.28 -20.16
C ARG D 93 0.68 21.86 -18.99
N LEU D 94 0.68 22.69 -17.96
CA LEU D 94 1.37 22.38 -16.70
C LEU D 94 0.72 21.21 -15.94
N GLY D 95 -0.59 21.31 -15.75
CA GLY D 95 -1.38 20.31 -15.05
C GLY D 95 -1.24 18.92 -15.65
N ARG D 96 -1.12 18.88 -16.97
CA ARG D 96 -0.93 17.63 -17.72
C ARG D 96 0.29 16.87 -17.22
N HIS D 97 1.22 17.60 -16.59
CA HIS D 97 2.45 17.05 -16.05
C HIS D 97 2.40 16.95 -14.53
N LEU D 98 1.19 17.00 -13.98
CA LEU D 98 0.98 16.84 -12.55
C LEU D 98 0.23 15.54 -12.24
N THR D 99 0.81 14.75 -11.34
CA THR D 99 0.10 13.62 -10.76
C THR D 99 -0.69 14.12 -9.56
N SER D 100 -1.98 13.80 -9.53
CA SER D 100 -2.81 14.11 -8.38
C SER D 100 -2.32 13.31 -7.17
N GLY D 101 -1.86 14.01 -6.15
CA GLY D 101 -1.32 13.36 -4.97
C GLY D 101 -2.44 12.90 -4.05
N GLY D 102 -3.25 13.84 -3.61
CA GLY D 102 -4.36 13.53 -2.74
C GLY D 102 -5.45 14.57 -2.84
N LEU D 103 -6.59 14.27 -2.21
CA LEU D 103 -7.75 15.13 -2.27
C LEU D 103 -8.65 14.94 -1.04
N LEU D 104 -8.96 16.04 -0.34
CA LEU D 104 -9.76 16.03 0.90
C LEU D 104 -10.77 17.18 0.95
N HIS D 105 -12.05 16.84 1.13
CA HIS D 105 -13.11 17.83 1.23
C HIS D 105 -13.71 17.87 2.62
N GLY D 106 -14.09 19.07 3.03
CA GLY D 106 -14.72 19.26 4.32
C GLY D 106 -15.40 20.61 4.39
N VAL D 107 -16.51 20.64 5.10
CA VAL D 107 -17.25 21.87 5.28
C VAL D 107 -16.86 22.48 6.62
N SER D 108 -16.95 23.80 6.69
CA SER D 108 -16.69 24.55 7.91
C SER D 108 -18.03 24.75 8.61
N LYS D 109 -18.08 24.47 9.92
CA LYS D 109 -19.35 24.52 10.65
C LYS D 109 -19.23 25.42 11.86
N LYS D 110 -20.40 25.75 12.43
CA LYS D 110 -20.44 26.36 13.74
C LYS D 110 -20.13 25.30 14.81
N PRO D 111 -19.42 25.71 15.89
CA PRO D 111 -18.99 24.73 16.90
C PRO D 111 -20.12 23.97 17.61
N THR D 112 -19.85 22.69 17.87
CA THR D 112 -20.80 21.77 18.48
C THR D 112 -20.71 21.79 20.01
N TYR D 113 -19.48 21.75 20.52
CA TYR D 113 -19.23 21.56 21.95
C TYR D 113 -18.90 22.84 22.71
N VAL D 114 -18.62 23.93 21.98
CA VAL D 114 -18.12 25.14 22.63
C VAL D 114 -19.12 25.72 23.61
N ALA D 115 -20.41 25.61 23.30
CA ALA D 115 -21.44 26.20 24.16
C ALA D 115 -21.46 25.55 25.55
N GLY D 116 -21.15 24.26 25.60
CA GLY D 116 -21.11 23.52 26.85
C GLY D 116 -19.77 23.61 27.56
N PHE D 117 -19.01 24.65 27.24
CA PHE D 117 -17.75 24.95 27.92
C PHE D 117 -17.98 26.00 28.99
N PRO D 118 -16.95 26.26 29.82
CA PRO D 118 -17.04 27.38 30.76
C PRO D 118 -17.18 28.71 30.01
N GLU D 119 -17.84 29.69 30.61
CA GLU D 119 -17.95 31.01 30.00
C GLU D 119 -16.53 31.53 29.78
N SER D 120 -15.63 31.22 30.72
CA SER D 120 -14.23 31.65 30.69
C SER D 120 -13.43 31.03 29.55
N MET D 121 -13.79 29.81 29.14
CA MET D 121 -13.06 29.13 28.06
C MET D 121 -13.47 29.73 26.72
N LYS D 122 -14.72 30.18 26.65
CA LYS D 122 -15.25 30.85 25.47
C LYS D 122 -14.57 32.21 25.29
N THR D 123 -14.15 32.81 26.40
CA THR D 123 -13.52 34.14 26.38
C THR D 123 -12.18 34.07 25.62
N GLU D 124 -11.37 33.08 26.00
CA GLU D 124 -10.01 32.91 25.48
C GLU D 124 -9.97 32.38 24.04
N LEU D 125 -11.11 31.91 23.54
CA LEU D 125 -11.18 31.31 22.20
C LEU D 125 -11.34 32.30 21.07
N GLN D 126 -11.89 33.46 21.38
CA GLN D 126 -12.16 34.49 20.38
C GLN D 126 -10.91 34.99 19.68
N VAL D 127 -9.75 34.73 20.29
CA VAL D 127 -8.47 35.17 19.74
C VAL D 127 -8.21 34.56 18.36
N ASN D 128 -7.76 35.42 17.44
CA ASN D 128 -7.52 35.04 16.05
C ASN D 128 -6.04 34.86 15.67
N GLY D 129 -5.25 34.27 16.57
CA GLY D 129 -3.89 33.86 16.25
C GLY D 129 -2.79 34.91 16.22
N GLU D 130 -1.75 34.59 15.47
CA GLU D 130 -0.54 35.42 15.33
C GLU D 130 -0.48 36.19 14.01
N SER D 131 0.27 37.28 13.99
CA SER D 131 0.47 38.06 12.77
C SER D 131 1.76 37.68 12.05
N GLY D 132 1.65 36.94 10.95
CA GLY D 132 2.79 36.61 10.12
C GLY D 132 2.45 36.34 8.66
N SER D 133 3.38 36.71 7.76
CA SER D 133 3.22 36.43 6.34
C SER D 133 4.20 35.32 5.95
N ARG D 134 3.79 34.50 4.97
CA ARG D 134 4.56 33.30 4.59
C ARG D 134 4.90 32.37 5.75
N PRO D 135 3.87 31.97 6.50
CA PRO D 135 4.09 31.03 7.59
C PRO D 135 4.13 29.61 7.09
N TYR D 136 4.73 28.73 7.88
CA TYR D 136 4.57 27.31 7.63
C TYR D 136 3.09 26.98 7.75
N ALA D 137 2.68 25.91 7.11
CA ALA D 137 1.30 25.46 7.19
C ALA D 137 1.30 23.97 7.36
N ILE D 138 0.38 23.49 8.19
CA ILE D 138 0.27 22.06 8.45
C ILE D 138 -1.17 21.60 8.29
N VAL D 139 -1.31 20.42 7.70
CA VAL D 139 -2.61 19.82 7.50
C VAL D 139 -2.57 18.41 8.09
N ILE D 140 -3.57 18.12 8.92
CA ILE D 140 -3.70 16.81 9.55
C ILE D 140 -5.13 16.33 9.32
N PRO D 141 -5.29 15.26 8.53
CA PRO D 141 -6.62 14.64 8.44
C PRO D 141 -6.87 13.67 9.60
N ILE D 142 -8.13 13.54 10.01
CA ILE D 142 -8.46 12.75 11.19
C ILE D 142 -9.74 11.94 11.07
N LYS D 143 -9.62 10.66 11.42
CA LYS D 143 -10.78 9.79 11.60
C LYS D 143 -10.89 9.28 13.04
N LYS D 144 -12.01 9.57 13.67
CA LYS D 144 -12.26 9.03 15.01
C LYS D 144 -12.85 7.63 14.98
N ASP D 145 -12.51 6.85 16.00
CA ASP D 145 -13.00 5.48 16.13
C ASP D 145 -14.49 5.39 16.44
N ALA D 146 -15.00 4.17 16.36
CA ALA D 146 -16.41 3.93 16.65
C ALA D 146 -16.71 4.22 18.14
N GLU D 147 -15.77 3.88 19.02
CA GLU D 147 -15.92 4.17 20.46
C GLU D 147 -16.30 5.62 20.65
N TRP D 148 -15.69 6.48 19.85
CA TRP D 148 -15.88 7.91 19.99
C TRP D 148 -17.33 8.31 19.70
N TRP D 149 -17.94 7.68 18.71
CA TRP D 149 -19.27 8.09 18.29
C TRP D 149 -20.29 7.50 19.25
N ALA D 150 -19.89 6.38 19.86
CA ALA D 150 -20.75 5.67 20.79
C ALA D 150 -20.95 6.50 22.05
N LEU D 151 -19.94 7.29 22.43
CA LEU D 151 -20.10 8.18 23.57
C LEU D 151 -21.28 9.11 23.38
N ASP D 152 -21.85 9.49 24.52
CA ASP D 152 -22.97 10.42 24.55
C ASP D 152 -22.39 11.82 24.51
N GLN D 153 -23.26 12.80 24.29
CA GLN D 153 -22.83 14.18 24.11
C GLN D 153 -21.98 14.71 25.25
N GLU D 154 -22.47 14.56 26.49
CA GLU D 154 -21.82 15.18 27.63
C GLU D 154 -20.37 14.73 27.71
N ALA D 155 -20.16 13.43 27.48
CA ALA D 155 -18.82 12.88 27.58
C ALA D 155 -17.87 13.44 26.48
N ARG D 156 -18.32 13.50 25.23
CA ARG D 156 -17.48 13.98 24.13
C ARG D 156 -17.12 15.43 24.41
N THR D 157 -18.09 16.19 24.88
CA THR D 157 -17.88 17.60 25.23
C THR D 157 -16.76 17.81 26.26
N ALA D 158 -16.68 16.94 27.25
CA ALA D 158 -15.67 17.06 28.31
C ALA D 158 -14.29 16.76 27.73
N LEU D 159 -14.24 15.77 26.85
CA LEU D 159 -13.01 15.44 26.13
C LEU D 159 -12.59 16.63 25.28
N MET D 160 -13.54 17.29 24.63
CA MET D 160 -13.20 18.41 23.80
C MET D 160 -12.86 19.61 24.67
N GLN D 161 -13.44 19.65 25.86
CA GLN D 161 -13.13 20.68 26.82
C GLN D 161 -11.68 20.51 27.26
N GLU D 162 -11.29 19.26 27.51
CA GLU D 162 -9.92 18.96 27.90
C GLU D 162 -8.97 19.28 26.73
N HIS D 163 -9.39 18.90 25.51
CA HIS D 163 -8.68 19.25 24.28
C HIS D 163 -8.42 20.75 24.18
N THR D 164 -9.50 21.53 24.22
CA THR D 164 -9.41 22.98 24.15
C THR D 164 -8.52 23.56 25.22
N GLN D 165 -8.72 23.13 26.46
CA GLN D 165 -7.97 23.67 27.59
C GLN D 165 -6.47 23.53 27.36
N ALA D 166 -6.07 22.37 26.85
CA ALA D 166 -4.65 22.05 26.65
C ALA D 166 -4.06 22.79 25.45
N ALA D 167 -4.94 23.24 24.55
CA ALA D 167 -4.54 23.81 23.26
C ALA D 167 -4.53 25.34 23.23
N LEU D 168 -5.40 25.96 24.03
CA LEU D 168 -5.56 27.43 24.03
C LEU D 168 -4.26 28.25 24.12
N PRO D 169 -3.32 27.83 24.99
CA PRO D 169 -2.12 28.67 25.16
C PRO D 169 -1.19 28.60 23.95
N TYR D 170 -1.60 27.90 22.91
CA TYR D 170 -0.84 27.81 21.67
C TYR D 170 -1.44 28.67 20.57
N LEU D 171 -2.57 29.31 20.87
CA LEU D 171 -3.11 30.33 19.98
C LEU D 171 -2.16 31.55 20.01
N LYS D 172 -1.09 31.45 20.80
CA LYS D 172 -0.04 32.47 20.83
C LYS D 172 0.53 32.61 19.43
N THR D 173 0.88 31.45 18.90
CA THR D 173 1.72 31.35 17.73
C THR D 173 1.11 30.41 16.69
N VAL D 174 -0.19 30.14 16.81
CA VAL D 174 -0.85 29.20 15.90
C VAL D 174 -2.28 29.59 15.52
N LYS D 175 -2.51 29.66 14.21
CA LYS D 175 -3.85 29.82 13.68
C LYS D 175 -4.39 28.44 13.35
N GLU D 176 -5.70 28.32 13.33
CA GLU D 176 -6.33 27.02 13.15
C GLU D 176 -7.61 27.19 12.40
N LYS D 177 -7.99 26.10 11.76
CA LYS D 177 -9.29 25.99 11.14
C LYS D 177 -9.60 24.51 11.07
N LEU D 178 -10.88 24.22 11.09
CA LEU D 178 -11.36 22.86 11.21
C LEU D 178 -12.44 22.56 10.17
N TYR D 179 -12.29 21.43 9.49
CA TYR D 179 -13.26 21.04 8.47
C TYR D 179 -13.83 19.68 8.77
N HIS D 180 -15.12 19.56 8.50
CA HIS D 180 -15.85 18.34 8.73
C HIS D 180 -15.96 17.55 7.42
N SER D 181 -15.29 16.40 7.39
CA SER D 181 -14.99 15.69 6.18
C SER D 181 -15.82 14.41 6.01
N THR D 182 -16.54 14.00 7.06
CA THR D 182 -17.30 12.74 7.01
C THR D 182 -18.25 12.62 5.82
N GLY D 183 -18.14 11.50 5.11
CA GLY D 183 -19.03 11.23 3.99
C GLY D 183 -18.60 11.78 2.64
N LEU D 184 -17.56 12.61 2.62
CA LEU D 184 -17.02 13.19 1.38
C LEU D 184 -15.71 12.50 1.01
N ASP D 185 -15.10 11.84 2.00
CA ASP D 185 -13.89 11.04 1.78
C ASP D 185 -13.69 10.14 3.01
N ASP D 186 -12.52 9.53 3.12
CA ASP D 186 -12.26 8.53 4.16
C ASP D 186 -11.83 9.11 5.52
N VAL D 187 -12.21 10.35 5.84
CA VAL D 187 -11.94 10.91 7.18
C VAL D 187 -13.07 11.78 7.75
N ASP D 188 -12.98 12.04 9.05
CA ASP D 188 -14.03 12.74 9.75
C ASP D 188 -13.68 14.21 9.84
N PHE D 189 -12.40 14.52 10.02
CA PHE D 189 -11.97 15.91 10.17
C PHE D 189 -10.73 16.26 9.38
N ILE D 190 -10.69 17.51 8.93
CA ILE D 190 -9.47 18.04 8.37
C ILE D 190 -9.07 19.23 9.20
N THR D 191 -7.86 19.12 9.77
CA THR D 191 -7.34 20.19 10.60
C THR D 191 -6.24 20.92 9.85
N TYR D 192 -6.23 22.23 10.03
CA TYR D 192 -5.31 23.08 9.31
C TYR D 192 -4.71 24.11 10.25
N PHE D 193 -3.39 24.29 10.16
CA PHE D 193 -2.69 25.21 11.03
C PHE D 193 -1.62 26.01 10.30
N GLU D 194 -1.49 27.27 10.70
CA GLU D 194 -0.43 28.15 10.25
C GLU D 194 0.46 28.57 11.41
N THR D 195 1.77 28.63 11.17
CA THR D 195 2.67 29.16 12.17
C THR D 195 4.05 29.52 11.65
N GLU D 196 4.64 30.54 12.28
CA GLU D 196 6.02 30.92 12.02
C GLU D 196 6.93 30.12 12.95
N ARG D 197 6.35 29.53 13.99
CA ARG D 197 7.14 28.75 14.94
C ARG D 197 6.64 27.33 14.97
N LEU D 198 7.47 26.41 14.50
CA LEU D 198 7.07 25.03 14.38
C LEU D 198 7.30 24.31 15.70
N GLU D 199 8.23 24.83 16.51
CA GLU D 199 8.53 24.18 17.78
C GLU D 199 7.30 24.24 18.69
N ASP D 200 6.59 25.38 18.67
CA ASP D 200 5.35 25.51 19.42
C ASP D 200 4.30 24.54 18.93
N PHE D 201 4.17 24.44 17.61
CA PHE D 201 3.14 23.59 17.04
C PHE D 201 3.41 22.15 17.44
N HIS D 202 4.68 21.81 17.50
CA HIS D 202 5.11 20.48 17.90
C HIS D 202 4.68 20.21 19.34
N ASN D 203 5.07 21.12 20.22
CA ASN D 203 4.69 21.05 21.63
C ASN D 203 3.19 20.98 21.78
N LEU D 204 2.49 21.75 20.95
CA LEU D 204 1.03 21.76 20.93
C LEU D 204 0.50 20.36 20.63
N VAL D 205 1.16 19.65 19.74
CA VAL D 205 0.66 18.35 19.33
C VAL D 205 1.07 17.32 20.36
N ARG D 206 2.27 17.45 20.94
CA ARG D 206 2.70 16.57 22.03
C ARG D 206 1.73 16.72 23.18
N ALA D 207 1.48 17.97 23.53
CA ALA D 207 0.52 18.29 24.57
C ALA D 207 -0.82 17.60 24.33
N LEU D 208 -1.33 17.69 23.11
CA LEU D 208 -2.65 17.11 22.83
C LEU D 208 -2.61 15.60 22.69
N GLN D 209 -1.41 15.04 22.53
CA GLN D 209 -1.30 13.59 22.48
C GLN D 209 -1.60 13.00 23.86
N GLN D 210 -1.62 13.86 24.90
CA GLN D 210 -1.76 13.41 26.29
C GLN D 210 -3.19 13.46 26.85
N VAL D 211 -4.10 14.19 26.21
CA VAL D 211 -5.50 14.17 26.63
C VAL D 211 -6.14 12.84 26.28
N LYS D 212 -7.35 12.64 26.76
CA LYS D 212 -8.05 11.38 26.54
C LYS D 212 -8.63 11.24 25.14
N GLU D 213 -9.08 12.35 24.54
CA GLU D 213 -9.61 12.33 23.17
C GLU D 213 -8.65 11.58 22.24
N PHE D 214 -7.36 11.84 22.40
CA PHE D 214 -6.37 11.38 21.42
C PHE D 214 -6.44 9.88 21.11
N ARG D 215 -6.74 9.10 22.13
CA ARG D 215 -6.77 7.64 22.02
C ARG D 215 -7.83 7.22 21.02
N HIS D 216 -8.76 8.13 20.77
CA HIS D 216 -9.88 7.88 19.86
C HIS D 216 -9.56 8.25 18.42
N ASN D 217 -8.37 8.80 18.17
CA ASN D 217 -7.94 9.11 16.81
C ASN D 217 -7.33 7.90 16.12
N ARG D 218 -8.17 7.18 15.39
CA ARG D 218 -7.78 5.93 14.76
C ARG D 218 -6.76 6.17 13.68
N ARG D 219 -6.98 7.23 12.89
CA ARG D 219 -5.98 7.66 11.91
C ARG D 219 -5.61 9.08 12.26
N PHE D 220 -4.29 9.31 12.36
CA PHE D 220 -3.76 10.60 12.78
C PHE D 220 -2.64 11.06 11.84
N GLY D 221 -3.00 11.94 10.90
CA GLY D 221 -2.14 12.27 9.78
C GLY D 221 -2.36 11.27 8.63
N HIS D 222 -1.27 10.71 8.11
CA HIS D 222 -1.33 9.73 7.03
C HIS D 222 -2.22 10.20 5.90
N PRO D 223 -1.77 11.25 5.20
CA PRO D 223 -0.47 11.90 5.39
C PRO D 223 -0.53 13.10 6.33
N THR D 224 0.60 13.44 6.94
CA THR D 224 0.76 14.72 7.62
C THR D 224 1.41 15.70 6.66
N LEU D 225 0.65 16.68 6.19
CA LEU D 225 1.16 17.60 5.17
C LEU D 225 1.79 18.89 5.69
N LEU D 226 3.11 18.97 5.57
CA LEU D 226 3.87 20.15 5.94
C LEU D 226 4.28 20.99 4.72
N GLY D 227 4.03 22.30 4.77
CA GLY D 227 4.41 23.19 3.68
C GLY D 227 4.70 24.63 4.07
N THR D 228 4.90 25.49 3.07
CA THR D 228 5.07 26.93 3.31
C THR D 228 4.12 27.70 2.43
N MET D 229 3.40 28.62 3.06
CA MET D 229 2.40 29.37 2.34
C MET D 229 3.09 30.37 1.40
N SER D 230 2.61 30.44 0.18
CA SER D 230 3.24 31.30 -0.82
C SER D 230 2.23 31.62 -1.93
N PRO D 231 2.43 32.76 -2.61
CA PRO D 231 1.63 33.04 -3.81
C PRO D 231 2.08 32.13 -4.94
N LEU D 232 1.13 31.72 -5.75
CA LEU D 232 1.36 30.69 -6.75
C LEU D 232 2.52 31.02 -7.70
N ASP D 233 2.69 32.30 -8.01
CA ASP D 233 3.73 32.73 -8.95
C ASP D 233 5.11 32.23 -8.55
N GLU D 234 5.51 32.56 -7.33
CA GLU D 234 6.81 32.16 -6.80
C GLU D 234 7.04 30.66 -6.85
N ILE D 235 5.96 29.91 -6.73
CA ILE D 235 6.07 28.46 -6.71
C ILE D 235 6.32 27.97 -8.13
N LEU D 236 5.50 28.43 -9.05
CA LEU D 236 5.59 28.02 -10.45
C LEU D 236 6.89 28.51 -11.11
N GLU D 237 7.32 29.71 -10.73
CA GLU D 237 8.57 30.28 -11.25
C GLU D 237 9.74 29.32 -11.02
N LYS D 238 9.63 28.49 -10.00
CA LYS D 238 10.67 27.51 -9.72
C LYS D 238 10.76 26.49 -10.86
N PHE D 239 9.64 26.27 -11.54
CA PHE D 239 9.55 25.23 -12.59
C PHE D 239 9.79 25.75 -14.02
N ALA D 240 10.42 26.91 -14.14
CA ALA D 240 10.64 27.53 -15.43
C ALA D 240 12.14 27.60 -15.71
N GLN D 241 12.91 27.78 -14.64
CA GLN D 241 14.35 27.90 -14.72
C GLN D 241 15.04 26.54 -14.87
N ASP E 5 -36.79 -1.33 -20.41
CA ASP E 5 -36.73 -1.59 -18.98
C ASP E 5 -35.96 -0.50 -18.24
N ARG E 6 -36.04 0.70 -18.77
CA ARG E 6 -35.48 1.90 -18.12
C ARG E 6 -35.90 1.94 -16.66
N GLU E 7 -37.20 1.79 -16.46
CA GLU E 7 -37.79 1.81 -15.13
C GLU E 7 -37.59 0.49 -14.40
N LYS E 8 -37.21 -0.54 -15.15
CA LYS E 8 -37.12 -1.91 -14.64
C LYS E 8 -35.71 -2.33 -14.17
N LEU E 9 -34.70 -1.52 -14.46
CA LEU E 9 -33.33 -1.83 -14.05
C LEU E 9 -32.89 -1.01 -12.83
N LEU E 10 -33.38 0.22 -12.75
CA LEU E 10 -33.00 1.14 -11.67
C LEU E 10 -33.76 0.88 -10.38
N THR E 11 -34.60 -0.15 -10.39
CA THR E 11 -35.58 -0.36 -9.34
C THR E 11 -35.79 -1.84 -8.95
N GLU E 12 -35.76 -2.73 -9.93
CA GLU E 12 -36.10 -4.14 -9.69
C GLU E 12 -34.93 -4.89 -9.05
N SER E 13 -35.24 -6.06 -8.50
CA SER E 13 -34.24 -6.93 -7.87
C SER E 13 -33.78 -7.98 -8.86
N GLY E 14 -32.58 -8.55 -8.64
CA GLY E 14 -32.01 -9.54 -9.53
C GLY E 14 -31.24 -8.86 -10.63
N VAL E 15 -31.03 -7.56 -10.45
CA VAL E 15 -30.33 -6.73 -11.41
C VAL E 15 -28.93 -6.42 -10.89
N TYR E 16 -27.92 -6.95 -11.57
CA TYR E 16 -26.52 -6.69 -11.22
C TYR E 16 -26.10 -5.25 -11.53
N GLY E 17 -25.38 -4.65 -10.59
CA GLY E 17 -24.93 -3.28 -10.71
C GLY E 17 -23.43 -3.32 -10.58
N THR E 18 -22.77 -2.50 -11.38
CA THR E 18 -21.32 -2.45 -11.40
C THR E 18 -20.86 -1.01 -11.34
N PHE E 19 -19.75 -0.79 -10.62
CA PHE E 19 -19.17 0.53 -10.49
C PHE E 19 -17.74 0.45 -10.99
N ALA E 20 -17.47 1.20 -12.05
CA ALA E 20 -16.20 1.13 -12.76
C ALA E 20 -15.54 2.50 -12.85
N THR E 21 -14.34 2.61 -12.30
CA THR E 21 -13.62 3.88 -12.29
C THR E 21 -12.51 3.85 -13.31
N PHE E 22 -12.23 5.03 -13.87
CA PHE E 22 -11.13 5.17 -14.82
C PHE E 22 -10.38 6.46 -14.58
N GLN E 23 -9.07 6.39 -14.82
CA GLN E 23 -8.20 7.55 -14.79
C GLN E 23 -7.59 7.73 -16.17
N MET E 24 -7.58 8.97 -16.64
CA MET E 24 -7.08 9.25 -17.99
C MET E 24 -5.55 9.40 -18.02
N ASP E 25 -4.91 8.68 -18.93
CA ASP E 25 -3.46 8.80 -19.13
C ASP E 25 -3.07 10.23 -19.52
N HIS E 26 -1.82 10.57 -19.27
CA HIS E 26 -1.33 11.90 -19.62
C HIS E 26 -1.20 12.04 -21.13
N ASP E 27 -0.70 11.00 -21.77
CA ASP E 27 -0.45 11.02 -23.21
C ASP E 27 -1.72 11.31 -23.99
N TRP E 28 -2.86 11.14 -23.36
CA TRP E 28 -4.15 11.42 -23.99
C TRP E 28 -4.19 12.86 -24.46
N TRP E 29 -3.47 13.71 -23.76
CA TRP E 29 -3.43 15.13 -24.07
C TRP E 29 -2.46 15.40 -25.22
N ASP E 30 -1.56 14.44 -25.48
CA ASP E 30 -0.63 14.56 -26.61
C ASP E 30 -1.36 14.36 -27.94
N LEU E 31 -2.62 13.94 -27.88
CA LEU E 31 -3.40 13.76 -29.10
C LEU E 31 -4.07 15.07 -29.56
N PRO E 32 -4.22 15.25 -30.88
CA PRO E 32 -4.94 16.41 -31.46
C PRO E 32 -6.44 16.45 -31.10
N GLY E 33 -6.96 17.67 -30.93
CA GLY E 33 -8.36 17.87 -30.58
C GLY E 33 -9.35 17.23 -31.54
N GLU E 34 -8.99 17.19 -32.82
CA GLU E 34 -9.86 16.60 -33.82
C GLU E 34 -9.85 15.08 -33.60
N SER E 35 -8.70 14.53 -33.25
CA SER E 35 -8.60 13.09 -33.03
C SER E 35 -9.42 12.69 -31.79
N ARG E 36 -9.40 13.53 -30.76
CA ARG E 36 -10.08 13.19 -29.53
C ARG E 36 -11.60 13.27 -29.69
N VAL E 37 -12.08 14.32 -30.38
CA VAL E 37 -13.53 14.47 -30.62
C VAL E 37 -14.04 13.28 -31.45
N ILE E 38 -13.17 12.71 -32.30
CA ILE E 38 -13.52 11.51 -33.05
C ILE E 38 -13.66 10.36 -32.08
N SER E 39 -12.70 10.29 -31.16
CA SER E 39 -12.68 9.27 -30.13
C SER E 39 -13.92 9.38 -29.25
N VAL E 40 -14.30 10.61 -28.95
CA VAL E 40 -15.52 10.87 -28.16
C VAL E 40 -16.75 10.26 -28.82
N ALA E 41 -16.93 10.54 -30.10
CA ALA E 41 -18.12 10.09 -30.83
C ALA E 41 -18.17 8.56 -30.88
N GLU E 42 -17.00 7.94 -30.91
CA GLU E 42 -16.87 6.49 -30.90
C GLU E 42 -17.55 5.90 -29.67
N VAL E 43 -17.21 6.46 -28.50
CA VAL E 43 -17.77 6.01 -27.24
C VAL E 43 -19.30 6.22 -27.20
N LYS E 44 -19.77 7.42 -27.52
CA LYS E 44 -21.20 7.71 -27.50
C LYS E 44 -21.96 6.66 -28.30
N GLY E 45 -21.33 6.16 -29.37
CA GLY E 45 -21.94 5.21 -30.27
C GLY E 45 -21.86 3.80 -29.72
N LEU E 46 -20.73 3.47 -29.11
CA LEU E 46 -20.57 2.19 -28.42
C LEU E 46 -21.65 2.00 -27.33
N VAL E 47 -21.97 3.07 -26.60
CA VAL E 47 -22.98 3.01 -25.55
C VAL E 47 -24.36 2.76 -26.13
N GLU E 48 -24.70 3.54 -27.15
CA GLU E 48 -26.00 3.44 -27.82
C GLU E 48 -26.20 2.05 -28.39
N GLN E 49 -25.08 1.42 -28.74
CA GLN E 49 -25.09 0.07 -29.26
C GLN E 49 -25.56 -0.90 -28.19
N TRP E 50 -25.09 -0.68 -26.97
CA TRP E 50 -25.40 -1.57 -25.86
C TRP E 50 -26.72 -1.23 -25.17
N SER E 51 -27.36 -0.14 -25.59
CA SER E 51 -28.69 0.21 -25.09
C SER E 51 -29.60 -1.01 -25.29
N GLY E 52 -30.65 -1.12 -24.49
CA GLY E 52 -31.56 -2.24 -24.59
C GLY E 52 -31.10 -3.42 -23.77
N LYS E 53 -29.81 -3.74 -23.85
CA LYS E 53 -29.24 -4.79 -23.01
C LYS E 53 -28.86 -4.25 -21.64
N ILE E 54 -28.17 -3.11 -21.62
CA ILE E 54 -27.73 -2.56 -20.33
C ILE E 54 -28.03 -1.10 -20.15
N LEU E 55 -27.96 -0.68 -18.89
CA LEU E 55 -28.12 0.72 -18.54
C LEU E 55 -26.79 1.25 -18.05
N VAL E 56 -26.49 2.50 -18.42
CA VAL E 56 -25.21 3.10 -18.10
C VAL E 56 -25.39 4.56 -17.72
N GLU E 57 -24.88 4.90 -16.54
CA GLU E 57 -24.85 6.27 -16.08
C GLU E 57 -23.40 6.62 -15.87
N SER E 58 -23.10 7.91 -15.99
CA SER E 58 -21.71 8.38 -15.92
C SER E 58 -21.55 9.47 -14.86
N TYR E 59 -20.38 9.48 -14.25
CA TYR E 59 -20.08 10.39 -13.15
C TYR E 59 -18.67 10.90 -13.34
N LEU E 60 -18.52 12.20 -13.12
CA LEU E 60 -17.22 12.86 -13.21
C LEU E 60 -16.51 12.89 -11.84
N LEU E 61 -15.43 12.12 -11.74
CA LEU E 61 -14.66 11.99 -10.50
C LEU E 61 -13.45 12.89 -10.45
N ARG E 62 -13.05 13.41 -11.62
CA ARG E 62 -11.91 14.32 -11.72
C ARG E 62 -12.17 15.54 -10.82
N GLY E 63 -11.26 15.80 -9.89
CA GLY E 63 -11.40 16.96 -9.02
C GLY E 63 -12.22 16.78 -7.74
N LEU E 64 -12.74 15.57 -7.50
CA LEU E 64 -13.48 15.27 -6.27
C LEU E 64 -13.03 13.97 -5.62
N SER E 65 -12.60 13.03 -6.45
CA SER E 65 -12.12 11.74 -5.97
C SER E 65 -10.71 11.58 -6.45
N ASP E 66 -9.82 11.24 -5.52
CA ASP E 66 -8.42 11.09 -5.86
C ASP E 66 -8.22 9.93 -6.83
N HIS E 67 -7.26 10.13 -7.74
CA HIS E 67 -6.82 9.13 -8.70
C HIS E 67 -7.95 8.55 -9.57
N ALA E 68 -8.90 9.41 -9.94
CA ALA E 68 -10.03 8.99 -10.77
C ALA E 68 -10.64 10.19 -11.50
N ASP E 69 -11.05 9.97 -12.74
CA ASP E 69 -11.63 11.03 -13.55
C ASP E 69 -13.05 10.65 -13.86
N LEU E 70 -13.24 9.38 -14.17
CA LEU E 70 -14.52 8.94 -14.68
C LEU E 70 -15.02 7.70 -13.95
N MET E 71 -16.34 7.65 -13.79
CA MET E 71 -17.00 6.45 -13.25
C MET E 71 -18.27 6.07 -14.01
N PHE E 72 -18.39 4.77 -14.26
CA PHE E 72 -19.62 4.18 -14.78
C PHE E 72 -20.38 3.42 -13.70
N ARG E 73 -21.67 3.69 -13.62
CA ARG E 73 -22.58 2.82 -12.90
C ARG E 73 -23.40 2.07 -13.95
N VAL E 74 -23.14 0.78 -14.06
CA VAL E 74 -23.78 -0.08 -15.05
C VAL E 74 -24.70 -1.14 -14.42
N HIS E 75 -25.96 -1.11 -14.81
CA HIS E 75 -26.92 -2.16 -14.48
C HIS E 75 -27.06 -3.16 -15.63
N ALA E 76 -27.03 -4.44 -15.28
CA ALA E 76 -27.22 -5.51 -16.25
C ALA E 76 -27.88 -6.70 -15.56
N ARG E 77 -28.41 -7.61 -16.37
CA ARG E 77 -29.10 -8.78 -15.87
C ARG E 77 -28.20 -10.00 -15.94
N THR E 78 -26.99 -9.78 -16.43
CA THR E 78 -25.93 -10.76 -16.31
C THR E 78 -24.62 -9.98 -16.31
N LEU E 79 -23.62 -10.42 -15.55
CA LEU E 79 -22.38 -9.67 -15.48
C LEU E 79 -21.51 -9.86 -16.72
N SER E 80 -21.78 -10.91 -17.50
CA SER E 80 -21.02 -11.19 -18.71
C SER E 80 -21.16 -10.06 -19.72
N ASP E 81 -22.39 -9.59 -19.90
CA ASP E 81 -22.71 -8.48 -20.78
C ASP E 81 -22.00 -7.20 -20.33
N THR E 82 -21.90 -7.03 -19.02
CA THR E 82 -21.24 -5.87 -18.44
C THR E 82 -19.74 -6.03 -18.69
N GLN E 83 -19.26 -7.26 -18.60
CA GLN E 83 -17.85 -7.52 -18.83
C GLN E 83 -17.47 -7.15 -20.28
N GLN E 84 -18.26 -7.66 -21.21
CA GLN E 84 -18.02 -7.45 -22.61
C GLN E 84 -18.05 -5.97 -22.88
N PHE E 85 -19.07 -5.31 -22.37
CA PHE E 85 -19.22 -3.89 -22.62
C PHE E 85 -17.99 -3.11 -22.15
N LEU E 86 -17.43 -3.49 -21.01
CA LEU E 86 -16.32 -2.74 -20.42
C LEU E 86 -15.04 -3.04 -21.17
N SER E 87 -14.92 -4.26 -21.67
CA SER E 87 -13.71 -4.61 -22.41
C SER E 87 -13.71 -3.88 -23.77
N ALA E 88 -14.90 -3.77 -24.36
CA ALA E 88 -15.10 -3.01 -25.59
C ALA E 88 -14.78 -1.54 -25.34
N PHE E 89 -15.39 -0.99 -24.29
CA PHE E 89 -15.17 0.39 -23.92
C PHE E 89 -13.70 0.68 -23.72
N MET E 90 -12.99 -0.24 -23.07
CA MET E 90 -11.59 -0.01 -22.75
C MET E 90 -10.73 -0.24 -23.97
N GLY E 91 -11.37 -0.79 -25.00
CA GLY E 91 -10.74 -1.06 -26.28
C GLY E 91 -10.71 0.15 -27.21
N THR E 92 -11.64 1.08 -27.04
CA THR E 92 -11.67 2.29 -27.87
C THR E 92 -10.40 3.12 -27.77
N ARG E 93 -10.20 4.00 -28.75
CA ARG E 93 -9.02 4.86 -28.80
C ARG E 93 -8.95 5.61 -27.48
N LEU E 94 -10.12 5.99 -26.99
CA LEU E 94 -10.26 6.63 -25.69
C LEU E 94 -9.97 5.66 -24.54
N GLY E 95 -10.57 4.50 -24.60
CA GLY E 95 -10.36 3.49 -23.57
C GLY E 95 -8.91 3.06 -23.44
N ARG E 96 -8.22 2.95 -24.58
CA ARG E 96 -6.82 2.56 -24.58
C ARG E 96 -5.96 3.53 -23.78
N HIS E 97 -6.45 4.76 -23.58
CA HIS E 97 -5.73 5.75 -22.79
C HIS E 97 -6.34 5.91 -21.38
N LEU E 98 -7.06 4.88 -20.94
CA LEU E 98 -7.61 4.84 -19.60
C LEU E 98 -6.97 3.76 -18.75
N THR E 99 -6.50 4.15 -17.57
CA THR E 99 -6.15 3.18 -16.53
C THR E 99 -7.35 2.88 -15.62
N SER E 100 -7.66 1.59 -15.51
CA SER E 100 -8.75 1.12 -14.67
C SER E 100 -8.47 1.44 -13.21
N GLY E 101 -9.33 2.25 -12.62
CA GLY E 101 -9.13 2.66 -11.24
C GLY E 101 -9.60 1.57 -10.30
N GLY E 102 -10.88 1.25 -10.37
CA GLY E 102 -11.45 0.25 -9.50
C GLY E 102 -12.71 -0.36 -10.07
N LEU E 103 -13.17 -1.44 -9.44
CA LEU E 103 -14.29 -2.20 -9.96
C LEU E 103 -15.07 -2.97 -8.88
N LEU E 104 -16.37 -2.69 -8.78
CA LEU E 104 -17.21 -3.31 -7.73
C LEU E 104 -18.53 -3.78 -8.31
N HIS E 105 -18.85 -5.06 -8.08
CA HIS E 105 -20.13 -5.63 -8.50
C HIS E 105 -21.00 -6.01 -7.30
N GLY E 106 -22.30 -5.84 -7.46
CA GLY E 106 -23.27 -6.25 -6.46
C GLY E 106 -24.65 -6.36 -7.09
N VAL E 107 -25.45 -7.30 -6.60
CA VAL E 107 -26.79 -7.49 -7.12
C VAL E 107 -27.83 -6.83 -6.21
N SER E 108 -28.96 -6.42 -6.79
CA SER E 108 -30.04 -5.79 -6.03
C SER E 108 -31.08 -6.81 -5.59
N LYS E 109 -31.47 -6.74 -4.32
CA LYS E 109 -32.39 -7.71 -3.73
C LYS E 109 -33.59 -7.05 -3.11
N LYS E 110 -34.59 -7.86 -2.77
CA LYS E 110 -35.62 -7.44 -1.84
C LYS E 110 -35.03 -7.48 -0.42
N PRO E 111 -35.43 -6.52 0.44
CA PRO E 111 -34.88 -6.39 1.79
C PRO E 111 -35.07 -7.60 2.72
N THR E 112 -34.06 -7.84 3.55
CA THR E 112 -34.05 -8.95 4.51
C THR E 112 -34.70 -8.60 5.85
N TYR E 113 -34.38 -7.42 6.37
CA TYR E 113 -34.76 -7.04 7.73
C TYR E 113 -35.98 -6.13 7.78
N VAL E 114 -36.35 -5.57 6.63
CA VAL E 114 -37.39 -4.55 6.56
C VAL E 114 -38.78 -5.05 6.98
N ALA E 115 -39.07 -6.32 6.72
CA ALA E 115 -40.39 -6.87 7.02
C ALA E 115 -40.71 -6.81 8.52
N GLY E 116 -39.69 -6.96 9.36
CA GLY E 116 -39.87 -6.92 10.81
C GLY E 116 -39.80 -5.53 11.42
N PHE E 117 -40.07 -4.50 10.61
CA PHE E 117 -40.10 -3.12 11.10
C PHE E 117 -41.53 -2.68 11.41
N PRO E 118 -41.70 -1.50 12.04
CA PRO E 118 -43.04 -0.95 12.22
C PRO E 118 -43.73 -0.60 10.91
N GLU E 119 -45.06 -0.67 10.87
CA GLU E 119 -45.84 -0.31 9.67
C GLU E 119 -45.58 1.15 9.29
N SER E 120 -45.42 1.99 10.30
CA SER E 120 -45.20 3.43 10.12
C SER E 120 -43.84 3.72 9.46
N MET E 121 -42.86 2.85 9.71
CA MET E 121 -41.51 3.04 9.18
C MET E 121 -41.46 2.65 7.69
N LYS E 122 -42.22 1.61 7.33
CA LYS E 122 -42.31 1.15 5.96
C LYS E 122 -42.99 2.19 5.08
N THR E 123 -43.87 2.97 5.72
CA THR E 123 -44.62 4.04 5.05
C THR E 123 -43.66 5.12 4.60
N GLU E 124 -42.75 5.49 5.50
CA GLU E 124 -41.79 6.56 5.25
C GLU E 124 -40.72 6.10 4.25
N LEU E 125 -40.68 4.79 3.99
CA LEU E 125 -39.71 4.21 3.08
C LEU E 125 -40.20 4.27 1.63
N GLN E 126 -41.52 4.36 1.46
CA GLN E 126 -42.15 4.39 0.14
C GLN E 126 -41.69 5.58 -0.69
N VAL E 127 -41.23 6.63 0.01
CA VAL E 127 -40.71 7.81 -0.65
C VAL E 127 -39.44 7.44 -1.40
N ASN E 128 -39.31 7.90 -2.64
CA ASN E 128 -38.16 7.57 -3.48
C ASN E 128 -37.12 8.70 -3.63
N GLY E 129 -37.24 9.78 -2.83
CA GLY E 129 -36.21 10.81 -2.77
C GLY E 129 -36.59 12.22 -3.20
N GLU E 130 -35.58 12.99 -3.59
CA GLU E 130 -35.74 14.39 -4.01
C GLU E 130 -35.71 14.55 -5.53
N SER E 131 -36.26 15.66 -6.02
CA SER E 131 -36.20 16.00 -7.44
C SER E 131 -35.03 16.95 -7.73
N GLY E 132 -33.99 16.42 -8.36
CA GLY E 132 -32.84 17.21 -8.78
C GLY E 132 -32.13 16.64 -10.00
N SER E 133 -31.56 17.50 -10.82
CA SER E 133 -30.77 17.09 -11.98
C SER E 133 -29.27 17.38 -11.77
N ARG E 134 -28.43 16.50 -12.32
CA ARG E 134 -26.96 16.58 -12.17
C ARG E 134 -26.51 16.72 -10.71
N PRO E 135 -26.94 15.79 -9.86
CA PRO E 135 -26.59 15.80 -8.44
C PRO E 135 -25.21 15.23 -8.15
N TYR E 136 -24.70 15.54 -6.97
CA TYR E 136 -23.52 14.86 -6.42
C TYR E 136 -23.87 13.39 -6.25
N ALA E 137 -22.87 12.53 -6.29
CA ALA E 137 -23.08 11.11 -6.08
C ALA E 137 -21.93 10.55 -5.26
N ILE E 138 -22.28 9.68 -4.32
CA ILE E 138 -21.30 9.08 -3.45
C ILE E 138 -21.44 7.58 -3.51
N VAL E 139 -20.32 6.89 -3.48
CA VAL E 139 -20.31 5.44 -3.46
C VAL E 139 -19.45 5.01 -2.31
N ILE E 140 -20.00 4.19 -1.43
CA ILE E 140 -19.25 3.71 -0.29
C ILE E 140 -19.33 2.20 -0.17
N PRO E 141 -18.21 1.53 -0.44
CA PRO E 141 -18.22 0.09 -0.18
C PRO E 141 -18.03 -0.21 1.30
N ILE E 142 -18.61 -1.34 1.71
CA ILE E 142 -18.68 -1.72 3.10
C ILE E 142 -18.45 -3.21 3.30
N LYS E 143 -17.57 -3.53 4.24
CA LYS E 143 -17.40 -4.89 4.76
C LYS E 143 -17.78 -4.90 6.25
N LYS E 144 -18.76 -5.74 6.61
CA LYS E 144 -19.18 -5.94 8.00
C LYS E 144 -18.21 -6.89 8.66
N ASP E 145 -17.98 -6.72 9.96
CA ASP E 145 -17.06 -7.63 10.67
C ASP E 145 -17.75 -8.98 10.88
N ALA E 146 -16.97 -9.96 11.28
CA ALA E 146 -17.48 -11.32 11.47
C ALA E 146 -18.52 -11.39 12.62
N GLU E 147 -18.30 -10.58 13.65
CA GLU E 147 -19.19 -10.46 14.80
C GLU E 147 -20.63 -10.27 14.33
N TRP E 148 -20.76 -9.48 13.28
CA TRP E 148 -22.07 -9.15 12.74
C TRP E 148 -22.80 -10.38 12.19
N TRP E 149 -22.07 -11.30 11.56
CA TRP E 149 -22.75 -12.46 10.95
C TRP E 149 -23.09 -13.45 12.05
N ALA E 150 -22.32 -13.42 13.14
CA ALA E 150 -22.51 -14.30 14.28
C ALA E 150 -23.81 -13.95 14.98
N LEU E 151 -24.18 -12.68 14.93
CA LEU E 151 -25.48 -12.26 15.44
C LEU E 151 -26.62 -13.05 14.78
N ASP E 152 -27.70 -13.17 15.52
CA ASP E 152 -28.93 -13.80 15.08
C ASP E 152 -29.76 -12.78 14.32
N GLN E 153 -30.81 -13.26 13.66
CA GLN E 153 -31.66 -12.42 12.81
C GLN E 153 -32.28 -11.27 13.59
N GLU E 154 -32.87 -11.60 14.74
CA GLU E 154 -33.63 -10.63 15.53
C GLU E 154 -32.74 -9.47 15.92
N ALA E 155 -31.50 -9.75 16.29
CA ALA E 155 -30.59 -8.71 16.72
C ALA E 155 -30.24 -7.77 15.54
N ARG E 156 -29.87 -8.36 14.41
CA ARG E 156 -29.47 -7.57 13.24
C ARG E 156 -30.62 -6.72 12.76
N THR E 157 -31.81 -7.30 12.74
CA THR E 157 -33.00 -6.59 12.35
C THR E 157 -33.18 -5.33 13.17
N ALA E 158 -32.97 -5.45 14.47
CA ALA E 158 -33.21 -4.34 15.38
C ALA E 158 -32.17 -3.23 15.19
N LEU E 159 -30.93 -3.64 15.00
CA LEU E 159 -29.88 -2.70 14.67
C LEU E 159 -30.20 -1.96 13.38
N MET E 160 -30.65 -2.71 12.38
CA MET E 160 -30.95 -2.11 11.08
C MET E 160 -32.15 -1.18 11.19
N GLN E 161 -32.99 -1.43 12.19
CA GLN E 161 -34.13 -0.56 12.42
C GLN E 161 -33.67 0.81 12.90
N GLU E 162 -32.68 0.80 13.79
CA GLU E 162 -32.09 2.02 14.33
C GLU E 162 -31.39 2.78 13.21
N HIS E 163 -30.72 2.00 12.37
CA HIS E 163 -30.10 2.49 11.14
C HIS E 163 -31.16 3.27 10.37
N THR E 164 -32.25 2.58 10.04
CA THR E 164 -33.34 3.21 9.27
C THR E 164 -33.87 4.45 9.97
N GLN E 165 -34.19 4.28 11.25
CA GLN E 165 -34.84 5.32 12.04
C GLN E 165 -34.02 6.60 12.00
N ALA E 166 -32.70 6.44 12.07
CA ALA E 166 -31.77 7.57 12.10
C ALA E 166 -31.62 8.24 10.74
N ALA E 167 -31.92 7.51 9.67
CA ALA E 167 -31.64 7.95 8.30
C ALA E 167 -32.88 8.46 7.55
N LEU E 168 -34.05 7.97 7.93
CA LEU E 168 -35.29 8.28 7.23
C LEU E 168 -35.51 9.77 6.92
N PRO E 169 -35.20 10.63 7.88
CA PRO E 169 -35.52 12.03 7.57
C PRO E 169 -34.56 12.63 6.56
N TYR E 170 -33.60 11.85 6.06
CA TYR E 170 -32.64 12.37 5.09
C TYR E 170 -33.06 11.99 3.69
N LEU E 171 -34.13 11.22 3.60
CA LEU E 171 -34.75 10.91 2.32
C LEU E 171 -35.39 12.16 1.72
N LYS E 172 -35.37 13.25 2.48
CA LYS E 172 -35.80 14.55 1.98
C LYS E 172 -34.93 14.86 0.78
N THR E 173 -33.63 14.71 0.99
CA THR E 173 -32.63 15.22 0.07
C THR E 173 -31.60 14.18 -0.32
N VAL E 174 -31.89 12.91 -0.09
CA VAL E 174 -30.93 11.88 -0.45
C VAL E 174 -31.63 10.64 -0.99
N LYS E 175 -31.20 10.24 -2.17
CA LYS E 175 -31.62 9.02 -2.79
C LYS E 175 -30.59 7.98 -2.45
N GLU E 176 -31.01 6.73 -2.45
CA GLU E 176 -30.16 5.65 -2.01
C GLU E 176 -30.43 4.41 -2.82
N LYS E 177 -29.46 3.52 -2.84
CA LYS E 177 -29.64 2.19 -3.38
C LYS E 177 -28.59 1.31 -2.76
N LEU E 178 -28.91 0.03 -2.62
CA LEU E 178 -28.06 -0.88 -1.90
C LEU E 178 -27.85 -2.13 -2.73
N TYR E 179 -26.60 -2.58 -2.79
CA TYR E 179 -26.26 -3.75 -3.58
C TYR E 179 -25.54 -4.75 -2.73
N HIS E 180 -25.85 -6.01 -2.97
CA HIS E 180 -25.24 -7.08 -2.20
C HIS E 180 -24.08 -7.64 -2.98
N SER E 181 -22.89 -7.42 -2.44
CA SER E 181 -21.66 -7.59 -3.21
C SER E 181 -20.85 -8.80 -2.75
N THR E 182 -21.28 -9.41 -1.66
CA THR E 182 -20.55 -10.52 -1.07
C THR E 182 -20.25 -11.63 -2.09
N GLY E 183 -18.99 -12.09 -2.14
CA GLY E 183 -18.63 -13.19 -3.01
C GLY E 183 -18.26 -12.81 -4.44
N LEU E 184 -18.50 -11.54 -4.78
CA LEU E 184 -18.19 -11.01 -6.10
C LEU E 184 -16.94 -10.12 -6.05
N ASP E 185 -16.59 -9.66 -4.85
CA ASP E 185 -15.37 -8.87 -4.62
C ASP E 185 -15.08 -8.81 -3.11
N ASP E 186 -14.19 -7.92 -2.70
CA ASP E 186 -13.74 -7.85 -1.31
C ASP E 186 -14.66 -7.03 -0.37
N VAL E 187 -15.94 -6.90 -0.74
CA VAL E 187 -16.90 -6.28 0.16
C VAL E 187 -18.24 -7.00 0.20
N ASP E 188 -19.05 -6.62 1.20
CA ASP E 188 -20.34 -7.27 1.43
C ASP E 188 -21.40 -6.43 0.79
N PHE E 189 -21.24 -5.11 0.85
CA PHE E 189 -22.25 -4.22 0.33
C PHE E 189 -21.64 -3.11 -0.51
N ILE E 190 -22.44 -2.62 -1.46
CA ILE E 190 -22.13 -1.40 -2.15
C ILE E 190 -23.28 -0.44 -1.94
N THR E 191 -23.00 0.72 -1.37
CA THR E 191 -24.01 1.74 -1.14
C THR E 191 -23.80 2.88 -2.11
N TYR E 192 -24.92 3.44 -2.58
CA TYR E 192 -24.91 4.48 -3.57
C TYR E 192 -25.88 5.60 -3.18
N PHE E 193 -25.45 6.84 -3.32
CA PHE E 193 -26.28 7.96 -2.91
C PHE E 193 -26.20 9.11 -3.91
N GLU E 194 -27.35 9.72 -4.14
CA GLU E 194 -27.45 10.95 -4.92
C GLU E 194 -27.99 12.05 -4.03
N THR E 195 -27.45 13.25 -4.19
CA THR E 195 -27.98 14.39 -3.47
C THR E 195 -27.48 15.69 -4.06
N GLU E 196 -28.31 16.73 -3.93
CA GLU E 196 -27.93 18.08 -4.29
C GLU E 196 -27.29 18.75 -3.08
N ARG E 197 -27.54 18.18 -1.89
CA ARG E 197 -27.00 18.73 -0.64
C ARG E 197 -26.06 17.77 0.10
N LEU E 198 -24.78 18.14 0.12
CA LEU E 198 -23.74 17.31 0.72
C LEU E 198 -23.62 17.58 2.23
N GLU E 199 -24.18 18.70 2.67
CA GLU E 199 -24.23 19.00 4.10
C GLU E 199 -25.15 17.98 4.76
N ASP E 200 -26.29 17.72 4.11
CA ASP E 200 -27.26 16.75 4.59
C ASP E 200 -26.67 15.36 4.60
N PHE E 201 -25.99 15.02 3.51
CA PHE E 201 -25.44 13.68 3.39
C PHE E 201 -24.36 13.47 4.44
N HIS E 202 -23.66 14.56 4.73
CA HIS E 202 -22.61 14.52 5.74
C HIS E 202 -23.23 14.24 7.10
N ASN E 203 -24.22 15.05 7.46
CA ASN E 203 -24.97 14.88 8.69
C ASN E 203 -25.60 13.50 8.73
N LEU E 204 -26.09 13.06 7.58
CA LEU E 204 -26.72 11.77 7.49
C LEU E 204 -25.76 10.68 7.91
N VAL E 205 -24.51 10.80 7.48
CA VAL E 205 -23.53 9.74 7.70
C VAL E 205 -23.04 9.82 9.13
N ARG E 206 -22.94 11.03 9.65
CA ARG E 206 -22.55 11.21 11.03
C ARG E 206 -23.55 10.52 11.95
N ALA E 207 -24.82 10.83 11.76
CA ALA E 207 -25.89 10.21 12.52
C ALA E 207 -25.71 8.69 12.56
N LEU E 208 -25.36 8.08 11.43
CA LEU E 208 -25.19 6.63 11.38
C LEU E 208 -23.89 6.18 12.03
N GLN E 209 -22.97 7.10 12.28
CA GLN E 209 -21.76 6.70 12.98
C GLN E 209 -22.10 6.45 14.46
N GLN E 210 -23.27 6.94 14.88
CA GLN E 210 -23.67 6.92 16.29
C GLN E 210 -24.58 5.75 16.66
N VAL E 211 -25.12 5.06 15.66
CA VAL E 211 -25.88 3.85 15.94
C VAL E 211 -24.92 2.70 16.27
N LYS E 212 -25.52 1.59 16.74
CA LYS E 212 -24.78 0.45 17.26
C LYS E 212 -24.14 -0.36 16.17
N GLU E 213 -24.84 -0.44 15.04
CA GLU E 213 -24.38 -1.13 13.84
C GLU E 213 -22.99 -0.70 13.38
N PHE E 214 -22.76 0.61 13.38
CA PHE E 214 -21.58 1.17 12.75
C PHE E 214 -20.27 0.52 13.20
N ARG E 215 -20.22 0.12 14.45
CA ARG E 215 -19.01 -0.46 15.03
C ARG E 215 -18.66 -1.76 14.31
N HIS E 216 -19.63 -2.32 13.61
CA HIS E 216 -19.44 -3.60 12.91
C HIS E 216 -18.94 -3.42 11.46
N ASN E 217 -18.81 -2.18 11.00
CA ASN E 217 -18.34 -1.91 9.65
C ASN E 217 -16.80 -1.98 9.60
N ARG E 218 -16.30 -3.18 9.32
CA ARG E 218 -14.85 -3.45 9.31
C ARG E 218 -14.18 -2.63 8.22
N ARG E 219 -14.89 -2.43 7.12
CA ARG E 219 -14.43 -1.50 6.10
C ARG E 219 -15.48 -0.44 5.90
N PHE E 220 -15.08 0.83 5.97
CA PHE E 220 -16.03 1.91 5.74
C PHE E 220 -15.47 2.96 4.77
N GLY E 221 -15.89 2.83 3.51
CA GLY E 221 -15.31 3.58 2.40
C GLY E 221 -14.08 2.86 1.85
N HIS E 222 -12.98 3.58 1.69
CA HIS E 222 -11.75 3.00 1.18
C HIS E 222 -11.98 2.15 -0.06
N PRO E 223 -12.29 2.80 -1.17
CA PRO E 223 -12.38 4.27 -1.26
C PRO E 223 -13.78 4.79 -1.06
N THR E 224 -13.89 6.05 -0.65
CA THR E 224 -15.17 6.76 -0.68
C THR E 224 -15.21 7.54 -1.98
N LEU E 225 -16.04 7.13 -2.93
CA LEU E 225 -16.06 7.76 -4.26
C LEU E 225 -17.05 8.94 -4.33
N LEU E 226 -16.51 10.14 -4.47
CA LEU E 226 -17.33 11.33 -4.67
C LEU E 226 -17.26 11.78 -6.15
N GLY E 227 -18.42 12.00 -6.75
CA GLY E 227 -18.48 12.49 -8.11
C GLY E 227 -19.75 13.29 -8.35
N THR E 228 -19.96 13.70 -9.59
CA THR E 228 -21.18 14.39 -9.96
C THR E 228 -21.79 13.78 -11.22
N MET E 229 -23.10 13.53 -11.14
CA MET E 229 -23.81 12.87 -12.23
C MET E 229 -24.00 13.83 -13.40
N SER E 230 -23.72 13.33 -14.59
CA SER E 230 -23.82 14.14 -15.79
C SER E 230 -23.92 13.24 -17.01
N PRO E 231 -24.46 13.78 -18.12
CA PRO E 231 -24.45 12.98 -19.35
C PRO E 231 -23.04 12.75 -19.87
N LEU E 232 -22.84 11.58 -20.47
CA LEU E 232 -21.51 11.18 -20.93
C LEU E 232 -20.94 12.23 -21.92
N ASP E 233 -21.83 12.89 -22.66
CA ASP E 233 -21.43 13.95 -23.57
C ASP E 233 -20.64 15.04 -22.84
N GLU E 234 -21.26 15.63 -21.82
CA GLU E 234 -20.61 16.69 -21.03
C GLU E 234 -19.26 16.26 -20.51
N ILE E 235 -19.16 14.97 -20.20
CA ILE E 235 -17.94 14.47 -19.57
C ILE E 235 -16.86 14.39 -20.61
N LEU E 236 -17.19 13.76 -21.72
CA LEU E 236 -16.23 13.57 -22.78
C LEU E 236 -15.82 14.90 -23.41
N GLU E 237 -16.78 15.83 -23.51
CA GLU E 237 -16.50 17.18 -24.03
C GLU E 237 -15.36 17.85 -23.27
N LYS E 238 -15.23 17.54 -21.98
CA LYS E 238 -14.13 18.05 -21.19
C LYS E 238 -12.79 17.40 -21.59
N PHE E 239 -12.86 16.20 -22.16
CA PHE E 239 -11.64 15.45 -22.45
C PHE E 239 -11.15 15.72 -23.86
N ALA E 240 -11.74 16.72 -24.52
CA ALA E 240 -11.41 17.04 -25.91
C ALA E 240 -10.93 18.47 -26.09
N GLN E 241 -11.51 19.39 -25.32
CA GLN E 241 -11.15 20.80 -25.44
C GLN E 241 -9.85 21.11 -24.72
CHA HEM F . -12.52 -27.24 3.12
CHB HEM F . -16.95 -28.29 1.52
CHC HEM F . -17.51 -23.87 -0.26
CHD HEM F . -13.41 -22.58 1.94
C1A HEM F . -13.66 -27.95 2.80
C2A HEM F . -13.90 -29.38 2.97
C3A HEM F . -15.12 -29.62 2.52
C4A HEM F . -15.70 -28.39 2.06
CMA HEM F . -15.83 -31.01 2.49
CAA HEM F . -13.01 -30.51 3.54
CBA HEM F . -11.57 -30.08 3.76
CGA HEM F . -10.76 -31.27 4.21
O1A HEM F . -9.53 -31.10 4.45
O2A HEM F . -11.33 -32.38 4.35
C1B HEM F . -17.42 -27.26 0.77
C2B HEM F . -18.50 -27.35 -0.20
C3B HEM F . -18.68 -26.13 -0.72
C4B HEM F . -17.70 -25.22 -0.08
CMB HEM F . -19.25 -28.66 -0.52
CAB HEM F . -19.74 -25.80 -1.80
CBB HEM F . -20.03 -24.55 -2.18
C1C HEM F . -16.48 -23.11 0.23
C2C HEM F . -16.33 -21.68 0.04
C3C HEM F . -15.19 -21.31 0.64
C4C HEM F . -14.59 -22.51 1.23
CMC HEM F . -17.41 -20.87 -0.74
CAC HEM F . -14.49 -19.92 0.80
CBC HEM F . -14.91 -18.77 0.23
C1D HEM F . -12.78 -23.71 2.41
C2D HEM F . -11.48 -23.70 3.02
C3D HEM F . -11.17 -25.16 3.39
C4D HEM F . -12.35 -25.89 2.96
CMD HEM F . -10.58 -22.47 3.23
CAD HEM F . -9.92 -25.73 4.10
CBD HEM F . -10.29 -25.89 5.58
CGD HEM F . -9.06 -26.04 6.47
O1D HEM F . -8.29 -27.02 6.24
O2D HEM F . -8.85 -25.19 7.41
NA HEM F . -14.78 -27.39 2.23
NB HEM F . -16.96 -25.95 0.82
NC HEM F . -15.41 -23.57 0.95
ND HEM F . -13.26 -25.01 2.39
FE HEM F . -15.12 -25.43 1.57
CHA HEM G . 15.32 8.69 24.40
CHB HEM G . 19.54 6.65 25.49
CHC HEM G . 19.52 3.81 21.64
CHD HEM G . 14.95 5.25 20.92
C1A HEM G . 16.51 8.41 25.00
C2A HEM G . 17.08 9.11 26.15
C3A HEM G . 18.24 8.52 26.44
C4A HEM G . 18.43 7.46 25.48
CMA HEM G . 19.21 8.90 27.59
CAA HEM G . 16.48 10.28 26.95
CBA HEM G . 16.10 11.44 26.04
CGA HEM G . 15.06 12.28 26.75
O1A HEM G . 15.13 12.33 28.01
O2A HEM G . 14.19 12.87 26.06
C1B HEM G . 19.95 5.83 24.48
C2B HEM G . 21.31 5.36 24.33
C3B HEM G . 21.34 4.56 23.25
C4B HEM G . 19.98 4.50 22.72
CMB HEM G . 22.49 5.73 25.26
CAB HEM G . 22.65 3.87 22.77
CBB HEM G . 22.69 3.18 21.62
C1C HEM G . 18.25 3.92 21.14
C2C HEM G . 17.72 3.12 20.06
C3C HEM G . 16.45 3.52 19.85
C4C HEM G . 16.15 4.58 20.80
CMC HEM G . 18.63 2.06 19.37
CAC HEM G . 15.38 3.08 18.82
CBC HEM G . 15.62 2.25 17.79
C1D HEM G . 14.66 6.34 21.72
C2D HEM G . 13.46 7.15 21.57
C3D HEM G . 13.54 8.23 22.65
C4D HEM G . 14.79 7.96 23.34
CMD HEM G . 12.34 6.94 20.54
CAD HEM G . 12.50 9.36 22.91
CBD HEM G . 12.07 9.37 24.37
CGD HEM G . 10.72 8.71 24.50
O1D HEM G . 9.72 9.43 24.80
O2D HEM G . 10.66 7.44 24.27
NA HEM G . 17.37 7.42 24.62
NB HEM G . 19.17 5.29 23.49
NC HEM G . 17.26 4.79 21.57
ND HEM G . 15.40 6.86 22.75
FE HEM G . 17.26 6.03 23.07
C ACT H . 1.03 4.16 12.47
O ACT H . 2.13 4.31 13.06
OXT ACT H . 0.26 5.16 12.43
CH3 ACT H . 0.65 2.86 11.83
CHA HEM I . 15.11 -20.81 14.90
CHB HEM I . 15.08 -25.45 13.70
CHC HEM I . 12.12 -24.55 10.07
CHD HEM I . 11.50 -20.09 11.71
C1A HEM I . 15.37 -22.16 14.93
C2A HEM I . 16.26 -22.89 15.84
C3A HEM I . 16.23 -24.17 15.48
C4A HEM I . 15.35 -24.28 14.35
CMA HEM I . 17.02 -25.31 16.17
CAA HEM I . 17.09 -22.37 17.04
CBA HEM I . 17.93 -21.14 16.71
CGA HEM I . 18.53 -20.62 17.99
O1A HEM I . 18.35 -21.27 19.07
O2A HEM I . 19.20 -19.54 17.90
C1B HEM I . 14.38 -25.55 12.54
C2B HEM I . 14.46 -26.67 11.63
C3B HEM I . 13.63 -26.42 10.60
C4B HEM I . 13.03 -25.14 10.87
CMB HEM I . 15.38 -27.88 11.95
CAB HEM I . 13.26 -27.22 9.32
CBB HEM I . 13.85 -28.36 8.94
C1C HEM I . 11.67 -23.28 10.25
C2C HEM I . 10.66 -22.68 9.43
C3C HEM I . 10.48 -21.42 9.89
C4C HEM I . 11.39 -21.24 11.00
CMC HEM I . 9.97 -23.47 8.28
CAC HEM I . 9.53 -20.28 9.43
CBC HEM I . 8.80 -20.33 8.31
C1D HEM I . 12.46 -19.85 12.65
C2D HEM I . 12.69 -18.55 13.24
C3D HEM I . 13.84 -18.79 14.21
C4D HEM I . 14.15 -20.19 14.13
CMD HEM I . 11.98 -17.21 12.95
CAD HEM I . 14.47 -17.75 15.14
CBD HEM I . 13.87 -18.07 16.51
CGD HEM I . 14.00 -16.88 17.41
O1D HEM I . 12.92 -16.36 17.84
O2D HEM I . 15.15 -16.46 17.67
NA HEM I . 14.84 -23.05 14.02
NB HEM I . 13.49 -24.62 12.04
NC HEM I . 12.10 -22.39 11.21
ND HEM I . 13.31 -20.78 13.19
FE HEM I . 13.49 -22.70 12.56
C1 EDO J . 30.30 -5.05 -22.92
O1 EDO J . 31.62 -5.61 -22.95
C2 EDO J . 30.31 -3.64 -22.36
O2 EDO J . 30.27 -3.59 -20.92
CHA HEM K . -12.13 20.42 17.27
CHB HEM K . -9.82 23.93 19.66
CHC HEM K . -5.58 22.34 17.93
CHD HEM K . -7.84 18.31 16.46
C1A HEM K . -11.86 21.48 18.11
C2A HEM K . -12.82 22.19 18.94
C3A HEM K . -12.19 23.16 19.60
C4A HEM K . -10.80 23.09 19.21
CMA HEM K . -12.79 24.17 20.60
CAA HEM K . -14.31 21.82 19.03
CBA HEM K . -15.18 22.90 18.41
CGA HEM K . -16.57 22.61 18.88
O1A HEM K . -17.46 22.35 18.04
O2A HEM K . -16.78 22.63 20.13
C1B HEM K . -8.50 23.85 19.30
C2B HEM K . -7.55 24.91 19.54
C3B HEM K . -6.35 24.51 19.07
C4B HEM K . -6.52 23.15 18.52
CMB HEM K . -7.92 26.26 20.20
CAB HEM K . -5.07 25.38 19.14
CBB HEM K . -3.86 24.94 18.78
C1C HEM K . -5.83 21.09 17.41
C2C HEM K . -4.82 20.19 16.87
C3C HEM K . -5.46 19.07 16.46
C4C HEM K . -6.88 19.26 16.73
CMC HEM K . -3.33 20.57 16.85
CAC HEM K . -4.97 17.76 15.80
CBC HEM K . -3.70 17.46 15.52
C1D HEM K . -9.19 18.48 16.49
C2D HEM K . -10.18 17.53 16.02
C3D HEM K . -11.53 18.19 16.27
C4D HEM K . -11.22 19.47 16.86
CMD HEM K . -9.92 16.14 15.39
CAD HEM K . -12.94 17.63 15.97
CBD HEM K . -13.70 17.51 17.30
CGD HEM K . -15.08 16.97 17.02
O1D HEM K . -15.94 17.80 16.55
O2D HEM K . -15.33 15.74 17.27
NA HEM K . -10.63 22.06 18.31
NB HEM K . -7.85 22.80 18.68
NC HEM K . -7.07 20.50 17.31
ND HEM K . -9.84 19.61 16.98
FE HEM K . -8.84 21.23 17.84
C ACT L . -8.16 3.12 8.64
O ACT L . -8.97 3.16 7.67
OXT ACT L . -7.48 2.06 8.77
CH3 ACT L . -7.99 4.27 9.58
CHA HEM M . -29.49 -1.60 4.87
CHB HEM M . -32.21 2.34 4.98
CHC HEM M . -28.31 5.15 4.49
CHD HEM M . -25.50 1.26 4.73
C1A HEM M . -30.58 -0.78 4.95
C2A HEM M . -31.98 -1.20 5.09
C3A HEM M . -32.73 -0.09 5.12
C4A HEM M . -31.83 1.03 5.00
CMA HEM M . -34.28 -0.02 5.27
CAA HEM M . -32.48 -2.65 5.18
CBA HEM M . -32.31 -3.33 3.82
CGA HEM M . -32.22 -4.82 4.03
O1A HEM M . -33.11 -5.37 4.74
O2A HEM M . -31.26 -5.44 3.49
C1B HEM M . -31.38 3.40 4.76
C2B HEM M . -31.85 4.73 4.48
C3B HEM M . -30.77 5.53 4.33
C4B HEM M . -29.61 4.69 4.54
CMB HEM M . -33.37 5.03 4.39
CAB HEM M . -30.59 7.03 4.01
CBB HEM M . -31.58 7.88 3.68
C1C HEM M . -27.22 4.36 4.58
C2C HEM M . -25.86 4.84 4.61
C3C HEM M . -25.06 3.74 4.69
C4C HEM M . -25.92 2.56 4.69
CMC HEM M . -25.53 6.35 4.57
CAC HEM M . -23.52 3.58 4.73
CBC HEM M . -22.65 4.58 4.54
C1D HEM M . -26.29 0.13 4.74
C2D HEM M . -25.79 -1.22 4.71
C3D HEM M . -27.04 -2.11 4.76
C4D HEM M . -28.17 -1.20 4.80
CMD HEM M . -24.30 -1.65 4.66
CAD HEM M . -27.14 -3.65 4.77
CBD HEM M . -26.55 -4.22 6.06
CGD HEM M . -26.93 -5.69 6.18
O1D HEM M . -27.73 -6.21 5.34
O2D HEM M . -26.40 -6.39 7.11
NA HEM M . -30.54 0.60 4.89
NB HEM M . -30.02 3.40 4.79
NC HEM M . -27.23 2.99 4.64
ND HEM M . -27.68 0.10 4.78
FE HEM M . -28.85 1.83 4.71
#